data_8WDO
#
_entry.id   8WDO
#
_cell.length_a   57.504
_cell.length_b   80.027
_cell.length_c   163.152
_cell.angle_alpha   90.00
_cell.angle_beta   90.00
_cell.angle_gamma   90.00
#
_symmetry.space_group_name_H-M   'P 21 21 21'
#
loop_
_entity.id
_entity.type
_entity.pdbx_description
1 polymer "cAMP-specific 3',5'-cyclic phosphodiesterase 4D"
2 non-polymer 'MAGNESIUM ION'
3 non-polymer 'ZINC ION'
4 non-polymer 3-[(2~{S},3~{R})-2-(3,4-dimethoxyphenyl)-3-(hydroxymethyl)-7-methoxy-2,3-dihydro-1-benzofuran-5-yl]propan-1-ol
5 non-polymer 1,2-ETHANEDIOL
6 water water
#
_entity_poly.entity_id   1
_entity_poly.type   'polypeptide(L)'
_entity_poly.pdbx_seq_one_letter_code
;MGSSHHHHHHSSGLVPRGSHMTEQEDVLAKELEDVNKWGLHVFRIAELSGNRPLTVIMHTIFQERDLLKTFKIPVDTLIT
YLMTLEDHYHADVAYHNNIHAADVVQSTHVLLSTPALEAVFTDLEILAAIFASAIHDVDHPGVSNQFLINTNSELALMYN
DSSVLENHHLAVGFKLLQEENCDIFQNLTKKQRQSLRKMVIDIVLATDMSKHMNLLADLKTMVETKKVTSSGVLLLDNYS
DRIQVLQNMVHCADLSNPTKPLQLYRQWTDRIMEEFFRQGDRERERGMEISPMCDKHNASVEKSQVGFIDYIVHPLWETW
ADLVHPDAQDILDTLEDNREWYQSTIPQS
;
_entity_poly.pdbx_strand_id   A,B
#
loop_
_chem_comp.id
_chem_comp.type
_chem_comp.name
_chem_comp.formula
EDO non-polymer 1,2-ETHANEDIOL 'C2 H6 O2'
MG non-polymer 'MAGNESIUM ION' 'Mg 2'
W8O non-polymer 3-[(2~{S},3~{R})-2-(3,4-dimethoxyphenyl)-3-(hydroxymethyl)-7-methoxy-2,3-dihydro-1-benzofuran-5-yl]propan-1-ol 'C21 H26 O6'
ZN non-polymer 'ZINC ION' 'Zn 2'
#
# COMPACT_ATOMS: atom_id res chain seq x y z
N GLN A 24 -32.42 26.13 20.22
CA GLN A 24 -31.43 25.72 19.25
C GLN A 24 -31.44 24.21 19.00
N GLU A 25 -31.87 23.44 19.98
CA GLU A 25 -31.97 21.99 19.78
C GLU A 25 -33.07 21.67 18.76
N ASP A 26 -34.23 22.32 18.90
CA ASP A 26 -35.31 22.11 17.94
C ASP A 26 -34.94 22.60 16.55
N VAL A 27 -34.19 23.71 16.47
CA VAL A 27 -33.74 24.20 15.17
C VAL A 27 -32.87 23.15 14.49
N LEU A 28 -31.99 22.52 15.24
CA LEU A 28 -31.09 21.55 14.65
C LEU A 28 -31.87 20.33 14.19
N ALA A 29 -32.84 19.89 14.99
CA ALA A 29 -33.63 18.73 14.62
C ALA A 29 -34.40 18.99 13.33
N LYS A 30 -34.94 20.22 13.17
CA LYS A 30 -35.64 20.59 11.94
C LYS A 30 -34.72 20.49 10.75
N GLU A 31 -33.49 21.00 10.90
CA GLU A 31 -32.53 20.92 9.82
C GLU A 31 -32.19 19.47 9.49
N LEU A 32 -32.10 18.62 10.50
CA LEU A 32 -31.68 17.24 10.26
C LEU A 32 -32.78 16.43 9.59
N GLU A 33 -34.01 16.97 9.53
CA GLU A 33 -35.06 16.33 8.76
C GLU A 33 -34.72 16.24 7.28
N ASP A 34 -33.78 17.05 6.79
CA ASP A 34 -33.34 17.02 5.39
C ASP A 34 -32.20 16.05 5.13
N VAL A 35 -31.88 15.17 6.08
CA VAL A 35 -30.72 14.32 5.94
C VAL A 35 -30.83 13.40 4.73
N ASN A 36 -32.03 13.20 4.21
CA ASN A 36 -32.17 12.34 3.05
C ASN A 36 -32.09 13.11 1.74
N LYS A 37 -31.82 14.40 1.77
CA LYS A 37 -31.91 15.26 0.60
C LYS A 37 -30.54 15.73 0.14
N TRP A 38 -30.32 15.73 -1.18
CA TRP A 38 -29.13 16.36 -1.73
C TRP A 38 -29.20 17.86 -1.44
N GLY A 39 -28.09 18.42 -0.99
CA GLY A 39 -28.07 19.84 -0.71
C GLY A 39 -28.47 20.23 0.69
N LEU A 40 -28.48 19.26 1.62
CA LEU A 40 -28.51 19.53 3.05
C LEU A 40 -27.65 20.74 3.38
N HIS A 41 -28.15 21.62 4.26
CA HIS A 41 -27.40 22.82 4.62
C HIS A 41 -26.36 22.43 5.67
N VAL A 42 -25.27 21.83 5.20
CA VAL A 42 -24.33 21.22 6.14
C VAL A 42 -23.57 22.28 6.95
N PHE A 43 -23.39 23.49 6.41
CA PHE A 43 -22.71 24.51 7.19
C PHE A 43 -23.61 25.00 8.32
N ARG A 44 -24.91 25.09 8.06
CA ARG A 44 -25.85 25.47 9.11
C ARG A 44 -25.93 24.39 10.18
N ILE A 45 -25.91 23.12 9.77
CA ILE A 45 -25.89 22.05 10.77
C ILE A 45 -24.63 22.13 11.62
N ALA A 46 -23.48 22.44 11.00
CA ALA A 46 -22.25 22.57 11.79
C ALA A 46 -22.42 23.64 12.88
N GLU A 47 -22.97 24.81 12.53
CA GLU A 47 -23.21 25.86 13.51
C GLU A 47 -24.21 25.41 14.57
N LEU A 48 -25.35 24.85 14.13
CA LEU A 48 -26.42 24.57 15.09
C LEU A 48 -26.06 23.43 16.03
N SER A 49 -25.15 22.55 15.60
CA SER A 49 -24.68 21.42 16.39
C SER A 49 -23.48 21.76 17.28
N GLY A 50 -23.01 23.01 17.26
CA GLY A 50 -21.83 23.35 18.05
C GLY A 50 -20.58 22.69 17.52
N ASN A 51 -20.39 22.80 16.20
CA ASN A 51 -19.27 22.25 15.46
C ASN A 51 -19.19 20.73 15.62
N ARG A 52 -20.35 20.08 15.62
CA ARG A 52 -20.35 18.62 15.65
C ARG A 52 -21.14 18.09 14.46
N PRO A 53 -20.94 18.62 13.25
CA PRO A 53 -21.76 18.11 12.13
C PRO A 53 -21.55 16.64 11.87
N LEU A 54 -20.31 16.13 11.98
CA LEU A 54 -20.09 14.72 11.71
C LEU A 54 -20.80 13.84 12.73
N THR A 55 -20.77 14.22 14.01
CA THR A 55 -21.44 13.42 15.03
C THR A 55 -22.95 13.39 14.82
N VAL A 56 -23.57 14.56 14.63
CA VAL A 56 -25.04 14.54 14.59
C VAL A 56 -25.53 13.98 13.28
N ILE A 57 -24.79 14.18 12.18
CA ILE A 57 -25.26 13.63 10.91
C ILE A 57 -25.07 12.11 10.91
N MET A 58 -23.94 11.62 11.42
CA MET A 58 -23.76 10.16 11.54
C MET A 58 -24.82 9.55 12.46
N HIS A 59 -25.07 10.16 13.62
CA HIS A 59 -26.09 9.63 14.51
C HIS A 59 -27.45 9.57 13.84
N THR A 60 -27.83 10.66 13.13
CA THR A 60 -29.12 10.70 12.46
C THR A 60 -29.22 9.60 11.41
N ILE A 61 -28.15 9.44 10.61
CA ILE A 61 -28.15 8.44 9.55
C ILE A 61 -28.23 7.05 10.14
N PHE A 62 -27.51 6.79 11.23
CA PHE A 62 -27.56 5.46 11.84
C PHE A 62 -28.97 5.15 12.35
N GLN A 63 -29.64 6.14 12.93
CA GLN A 63 -31.04 5.96 13.34
C GLN A 63 -31.95 5.74 12.14
N GLU A 64 -31.78 6.55 11.09
CA GLU A 64 -32.63 6.41 9.90
C GLU A 64 -32.52 5.01 9.31
N ARG A 65 -31.30 4.45 9.22
CA ARG A 65 -31.08 3.14 8.64
C ARG A 65 -31.21 2.01 9.65
N ASP A 66 -31.56 2.33 10.90
CA ASP A 66 -31.74 1.34 11.97
C ASP A 66 -30.44 0.56 12.23
N LEU A 67 -29.29 1.23 12.06
CA LEU A 67 -28.02 0.53 12.16
C LEU A 67 -27.65 0.23 13.60
N LEU A 68 -28.14 1.04 14.56
CA LEU A 68 -27.85 0.72 15.95
C LEU A 68 -28.49 -0.59 16.37
N LYS A 69 -29.74 -0.82 15.97
CA LYS A 69 -30.40 -2.07 16.35
C LYS A 69 -29.85 -3.24 15.55
N THR A 70 -29.57 -3.02 14.26
CA THR A 70 -29.11 -4.12 13.42
C THR A 70 -27.79 -4.69 13.90
N PHE A 71 -26.87 -3.83 14.30
CA PHE A 71 -25.54 -4.25 14.69
C PHE A 71 -25.33 -4.11 16.19
N LYS A 72 -26.42 -3.90 16.94
CA LYS A 72 -26.38 -3.91 18.39
C LYS A 72 -25.29 -2.94 18.88
N ILE A 73 -25.30 -1.75 18.28
CA ILE A 73 -24.35 -0.70 18.62
C ILE A 73 -24.93 0.09 19.80
N PRO A 74 -24.29 0.08 20.97
CA PRO A 74 -24.80 0.90 22.07
C PRO A 74 -24.71 2.36 21.68
N VAL A 75 -25.74 3.13 22.04
CA VAL A 75 -25.78 4.50 21.53
C VAL A 75 -24.66 5.32 22.15
N ASP A 76 -24.32 5.05 23.42
CA ASP A 76 -23.26 5.79 24.09
C ASP A 76 -21.91 5.53 23.46
N THR A 77 -21.65 4.29 23.05
CA THR A 77 -20.43 3.98 22.31
C THR A 77 -20.39 4.68 20.97
N LEU A 78 -21.52 4.71 20.24
CA LEU A 78 -21.52 5.39 18.97
C LEU A 78 -21.17 6.86 19.14
N ILE A 79 -21.80 7.52 20.13
CA ILE A 79 -21.55 8.95 20.30
C ILE A 79 -20.12 9.21 20.74
N THR A 80 -19.59 8.34 21.61
CA THR A 80 -18.23 8.51 22.09
C THR A 80 -17.22 8.33 20.94
N TYR A 81 -17.43 7.32 20.11
CA TYR A 81 -16.54 7.16 18.96
C TYR A 81 -16.67 8.35 18.02
N LEU A 82 -17.91 8.74 17.69
CA LEU A 82 -18.09 9.83 16.74
C LEU A 82 -17.44 11.11 17.22
N MET A 83 -17.58 11.43 18.50
CA MET A 83 -16.99 12.67 19.00
C MET A 83 -15.47 12.59 18.96
N THR A 84 -14.91 11.42 19.25
CA THR A 84 -13.47 11.25 19.16
C THR A 84 -12.97 11.31 17.71
N LEU A 85 -13.66 10.63 16.80
CA LEU A 85 -13.32 10.75 15.38
C LEU A 85 -13.39 12.21 14.92
N GLU A 86 -14.51 12.88 15.23
CA GLU A 86 -14.65 14.27 14.83
C GLU A 86 -13.51 15.12 15.37
N ASP A 87 -13.09 14.87 16.61
CA ASP A 87 -11.97 15.60 17.20
C ASP A 87 -10.69 15.43 16.43
N HIS A 88 -10.51 14.30 15.73
CA HIS A 88 -9.24 14.09 15.05
C HIS A 88 -9.23 14.62 13.63
N TYR A 89 -10.32 15.26 13.19
CA TYR A 89 -10.24 16.15 12.04
C TYR A 89 -9.68 17.50 12.50
N HIS A 90 -8.95 18.18 11.62
CA HIS A 90 -8.37 19.45 12.05
C HIS A 90 -9.35 20.59 11.86
N ALA A 91 -9.70 21.26 12.96
CA ALA A 91 -10.57 22.41 12.87
C ALA A 91 -9.90 23.60 12.22
N ASP A 92 -8.57 23.58 12.09
CA ASP A 92 -7.84 24.69 11.49
C ASP A 92 -7.40 24.42 10.03
N VAL A 93 -7.98 23.45 9.35
CA VAL A 93 -7.80 23.34 7.90
C VAL A 93 -9.12 23.74 7.25
N ALA A 94 -9.04 24.55 6.18
CA ALA A 94 -10.24 25.19 5.64
C ALA A 94 -11.19 24.21 4.98
N TYR A 95 -10.66 23.18 4.33
CA TYR A 95 -11.49 22.27 3.53
C TYR A 95 -11.56 20.87 4.15
N HIS A 96 -10.41 20.24 4.38
CA HIS A 96 -10.39 18.83 4.79
C HIS A 96 -10.61 18.68 6.31
N ASN A 97 -11.79 19.09 6.77
CA ASN A 97 -12.14 19.13 8.19
C ASN A 97 -13.40 18.30 8.42
N ASN A 98 -13.93 18.37 9.65
CA ASN A 98 -15.10 17.59 10.01
C ASN A 98 -16.34 17.98 9.21
N ILE A 99 -16.42 19.22 8.67
CA ILE A 99 -17.58 19.56 7.86
C ILE A 99 -17.52 18.81 6.53
N HIS A 100 -16.33 18.73 5.92
CA HIS A 100 -16.16 17.92 4.71
C HIS A 100 -16.48 16.46 4.98
N ALA A 101 -16.01 15.93 6.11
CA ALA A 101 -16.33 14.54 6.45
C ALA A 101 -17.84 14.34 6.55
N ALA A 102 -18.53 15.23 7.26
CA ALA A 102 -19.98 15.14 7.42
C ALA A 102 -20.68 15.23 6.07
N ASP A 103 -20.19 16.13 5.20
CA ASP A 103 -20.75 16.28 3.87
C ASP A 103 -20.60 15.01 3.05
N VAL A 104 -19.41 14.36 3.10
CA VAL A 104 -19.21 13.16 2.33
C VAL A 104 -20.08 12.02 2.88
N VAL A 105 -20.18 11.93 4.21
CA VAL A 105 -21.06 10.93 4.85
C VAL A 105 -22.50 11.11 4.37
N GLN A 106 -23.02 12.33 4.46
CA GLN A 106 -24.40 12.55 4.09
C GLN A 106 -24.61 12.32 2.60
N SER A 107 -23.64 12.73 1.78
CA SER A 107 -23.76 12.54 0.34
C SER A 107 -23.76 11.06 0.00
N THR A 108 -22.88 10.26 0.64
CA THR A 108 -22.89 8.81 0.45
C THR A 108 -24.23 8.21 0.89
N HIS A 109 -24.75 8.67 2.02
CA HIS A 109 -26.07 8.22 2.48
C HIS A 109 -27.16 8.44 1.43
N VAL A 110 -27.20 9.61 0.81
CA VAL A 110 -28.20 9.84 -0.25
C VAL A 110 -27.96 8.89 -1.42
N LEU A 111 -26.69 8.79 -1.88
CA LEU A 111 -26.41 7.95 -3.06
C LEU A 111 -26.79 6.49 -2.81
N LEU A 112 -26.59 6.02 -1.57
CA LEU A 112 -26.97 4.66 -1.18
C LEU A 112 -28.47 4.43 -1.25
N SER A 113 -29.26 5.49 -1.18
CA SER A 113 -30.71 5.38 -1.21
C SER A 113 -31.26 5.42 -2.62
N THR A 114 -30.40 5.47 -3.63
CA THR A 114 -30.89 5.66 -4.99
C THR A 114 -31.69 4.44 -5.44
N PRO A 115 -32.81 4.65 -6.13
CA PRO A 115 -33.71 3.53 -6.45
C PRO A 115 -33.03 2.40 -7.22
N ALA A 116 -32.07 2.73 -8.09
CA ALA A 116 -31.36 1.72 -8.86
C ALA A 116 -30.54 0.78 -7.99
N LEU A 117 -30.32 1.12 -6.72
CA LEU A 117 -29.57 0.29 -5.80
C LEU A 117 -30.43 -0.29 -4.69
N GLU A 118 -31.76 -0.18 -4.79
CA GLU A 118 -32.59 -0.60 -3.68
C GLU A 118 -32.40 -2.09 -3.43
N ALA A 119 -32.11 -2.44 -2.18
CA ALA A 119 -31.92 -3.81 -1.71
C ALA A 119 -30.70 -4.50 -2.32
N VAL A 120 -29.78 -3.73 -2.90
CA VAL A 120 -28.63 -4.32 -3.56
C VAL A 120 -27.52 -4.61 -2.57
N PHE A 121 -27.26 -3.71 -1.63
CA PHE A 121 -26.18 -3.88 -0.69
C PHE A 121 -26.67 -4.42 0.65
N THR A 122 -25.89 -5.30 1.25
CA THR A 122 -26.21 -5.80 2.59
C THR A 122 -26.09 -4.68 3.62
N ASP A 123 -26.61 -4.96 4.81
CA ASP A 123 -26.47 -4.00 5.90
C ASP A 123 -25.00 -3.77 6.25
N LEU A 124 -24.18 -4.81 6.17
CA LEU A 124 -22.75 -4.66 6.47
C LEU A 124 -22.06 -3.78 5.43
N GLU A 125 -22.45 -3.91 4.16
CA GLU A 125 -21.85 -3.08 3.12
C GLU A 125 -22.28 -1.63 3.28
N ILE A 126 -23.55 -1.43 3.65
CA ILE A 126 -24.02 -0.08 3.92
C ILE A 126 -23.23 0.52 5.08
N LEU A 127 -23.09 -0.24 6.18
CA LEU A 127 -22.26 0.20 7.30
C LEU A 127 -20.83 0.54 6.86
N ALA A 128 -20.22 -0.30 6.01
CA ALA A 128 -18.84 -0.07 5.59
C ALA A 128 -18.73 1.22 4.79
N ALA A 129 -19.69 1.48 3.91
CA ALA A 129 -19.61 2.67 3.06
C ALA A 129 -19.81 3.95 3.86
N ILE A 130 -20.75 3.93 4.81
CA ILE A 130 -20.94 5.11 5.63
C ILE A 130 -19.76 5.32 6.59
N PHE A 131 -19.27 4.24 7.22
CA PHE A 131 -18.11 4.37 8.10
C PHE A 131 -16.89 4.82 7.32
N ALA A 132 -16.65 4.21 6.15
CA ALA A 132 -15.53 4.68 5.31
C ALA A 132 -15.62 6.18 5.01
N SER A 133 -16.81 6.68 4.63
CA SER A 133 -16.97 8.11 4.39
C SER A 133 -16.62 8.93 5.63
N ALA A 134 -17.08 8.47 6.80
CA ALA A 134 -16.84 9.22 8.03
C ALA A 134 -15.36 9.38 8.34
N ILE A 135 -14.57 8.32 8.11
CA ILE A 135 -13.15 8.34 8.46
C ILE A 135 -12.25 8.78 7.31
N HIS A 136 -12.80 9.05 6.13
CA HIS A 136 -11.97 8.97 4.91
C HIS A 136 -10.90 10.04 4.83
N ASP A 137 -11.00 11.14 5.60
CA ASP A 137 -9.98 12.20 5.58
C ASP A 137 -9.51 12.51 6.98
N VAL A 138 -9.70 11.61 7.95
CA VAL A 138 -9.41 12.00 9.33
C VAL A 138 -7.92 12.31 9.53
N ASP A 139 -7.65 13.36 10.32
CA ASP A 139 -6.28 13.83 10.57
C ASP A 139 -5.58 14.32 9.29
N HIS A 140 -6.33 14.82 8.33
CA HIS A 140 -5.76 15.42 7.11
C HIS A 140 -5.06 16.71 7.47
N PRO A 141 -3.80 16.90 7.08
CA PRO A 141 -3.06 18.11 7.46
C PRO A 141 -3.28 19.30 6.55
N GLY A 142 -4.07 19.15 5.49
CA GLY A 142 -4.35 20.25 4.59
C GLY A 142 -3.37 20.45 3.47
N VAL A 143 -2.52 19.45 3.19
CA VAL A 143 -1.60 19.47 2.06
C VAL A 143 -1.71 18.13 1.33
N SER A 144 -1.22 18.09 0.08
CA SER A 144 -1.43 16.94 -0.79
C SER A 144 -0.41 15.83 -0.52
N ASN A 145 -0.72 14.64 -1.05
CA ASN A 145 0.25 13.56 -1.06
C ASN A 145 1.57 13.99 -1.69
N GLN A 146 1.52 14.70 -2.82
CA GLN A 146 2.77 15.05 -3.48
C GLN A 146 3.59 15.99 -2.61
N PHE A 147 2.92 16.91 -1.90
CA PHE A 147 3.64 17.79 -0.99
C PHE A 147 4.29 17.00 0.14
N LEU A 148 3.56 16.03 0.69
CA LEU A 148 4.14 15.21 1.75
C LEU A 148 5.32 14.39 1.24
N ILE A 149 5.24 13.88 0.01
CA ILE A 149 6.35 13.13 -0.57
C ILE A 149 7.54 14.04 -0.81
N ASN A 150 7.30 15.19 -1.42
CA ASN A 150 8.39 16.06 -1.85
C ASN A 150 9.09 16.74 -0.69
N THR A 151 8.44 16.85 0.47
CA THR A 151 9.07 17.42 1.65
C THR A 151 9.65 16.34 2.58
N ASN A 152 9.67 15.09 2.14
CA ASN A 152 10.22 13.98 2.93
C ASN A 152 9.59 13.93 4.32
N SER A 153 8.27 14.06 4.35
CA SER A 153 7.51 14.04 5.59
C SER A 153 7.60 12.69 6.28
N GLU A 154 7.33 12.69 7.58
CA GLU A 154 7.25 11.44 8.32
C GLU A 154 6.16 10.53 7.77
N LEU A 155 5.02 11.11 7.38
CA LEU A 155 3.95 10.32 6.78
C LEU A 155 4.43 9.62 5.52
N ALA A 156 5.16 10.34 4.66
CA ALA A 156 5.57 9.73 3.41
C ALA A 156 6.65 8.68 3.65
N LEU A 157 7.50 8.87 4.66
CA LEU A 157 8.48 7.86 5.04
C LEU A 157 7.78 6.62 5.59
N MET A 158 6.73 6.81 6.39
CA MET A 158 5.99 5.66 6.95
C MET A 158 5.37 4.84 5.86
N TYR A 159 4.82 5.50 4.83
CA TYR A 159 3.96 4.82 3.88
C TYR A 159 4.60 4.67 2.50
N ASN A 160 5.90 4.89 2.40
CA ASN A 160 6.66 4.57 1.19
C ASN A 160 6.05 5.25 -0.03
N ASP A 161 5.64 6.50 0.17
CA ASP A 161 5.15 7.39 -0.88
C ASP A 161 3.88 6.88 -1.55
N SER A 162 3.20 5.87 -1.00
CA SER A 162 2.06 5.22 -1.70
C SER A 162 0.76 5.48 -0.94
N SER A 163 -0.20 6.15 -1.58
CA SER A 163 -1.47 6.57 -0.94
C SER A 163 -1.24 7.03 0.50
N VAL A 164 -0.33 8.01 0.64
CA VAL A 164 0.20 8.36 1.97
C VAL A 164 -0.92 8.81 2.90
N LEU A 165 -1.68 9.84 2.49
CA LEU A 165 -2.78 10.34 3.31
C LEU A 165 -3.82 9.26 3.57
N GLU A 166 -4.17 8.51 2.52
CA GLU A 166 -5.31 7.61 2.65
C GLU A 166 -4.99 6.42 3.53
N ASN A 167 -3.74 5.95 3.51
CA ASN A 167 -3.34 4.93 4.49
C ASN A 167 -3.42 5.48 5.90
N HIS A 168 -3.00 6.72 6.07
CA HIS A 168 -3.04 7.37 7.38
C HIS A 168 -4.48 7.54 7.88
N HIS A 169 -5.38 8.02 7.02
CA HIS A 169 -6.77 8.20 7.43
C HIS A 169 -7.33 6.87 7.95
N LEU A 170 -7.08 5.79 7.20
CA LEU A 170 -7.54 4.47 7.63
C LEU A 170 -6.96 4.10 8.99
N ALA A 171 -5.64 4.22 9.14
CA ALA A 171 -5.01 3.76 10.38
C ALA A 171 -5.56 4.52 11.58
N VAL A 172 -5.75 5.84 11.45
CA VAL A 172 -6.32 6.63 12.55
C VAL A 172 -7.76 6.21 12.81
N GLY A 173 -8.55 6.09 11.74
CA GLY A 173 -9.97 5.74 11.89
C GLY A 173 -10.16 4.42 12.62
N PHE A 174 -9.34 3.41 12.29
CA PHE A 174 -9.47 2.13 12.98
C PHE A 174 -8.86 2.17 14.38
N LYS A 175 -7.74 2.87 14.53
CA LYS A 175 -7.09 2.92 15.84
C LYS A 175 -8.01 3.53 16.89
N LEU A 176 -8.80 4.54 16.50
CA LEU A 176 -9.67 5.21 17.45
C LEU A 176 -10.74 4.28 18.01
N LEU A 177 -11.08 3.21 17.27
CA LEU A 177 -12.01 2.23 17.81
C LEU A 177 -11.52 1.60 19.10
N GLN A 178 -10.22 1.66 19.39
CA GLN A 178 -9.61 1.03 20.55
C GLN A 178 -9.58 1.96 21.77
N GLU A 179 -10.03 3.20 21.64
CA GLU A 179 -10.14 4.08 22.79
C GLU A 179 -11.34 3.68 23.66
N GLU A 180 -11.39 4.22 24.89
CA GLU A 180 -12.38 3.80 25.87
C GLU A 180 -13.81 3.99 25.37
N ASN A 181 -14.60 2.90 25.40
CA ASN A 181 -16.00 2.90 24.96
C ASN A 181 -16.16 3.45 23.55
N CYS A 182 -15.22 3.09 22.67
CA CYS A 182 -15.26 3.55 21.29
C CYS A 182 -15.49 2.43 20.29
N ASP A 183 -15.47 1.15 20.71
CA ASP A 183 -15.58 0.08 19.70
C ASP A 183 -17.03 -0.11 19.28
N ILE A 184 -17.44 0.64 18.25
CA ILE A 184 -18.82 0.56 17.79
C ILE A 184 -19.11 -0.76 17.10
N PHE A 185 -18.05 -1.55 16.82
CA PHE A 185 -18.22 -2.84 16.16
C PHE A 185 -18.11 -4.02 17.15
N GLN A 186 -18.17 -3.75 18.45
CA GLN A 186 -17.95 -4.77 19.48
C GLN A 186 -18.91 -5.95 19.39
N ASN A 187 -20.10 -5.79 18.80
CA ASN A 187 -21.07 -6.88 18.73
C ASN A 187 -21.21 -7.49 17.33
N LEU A 188 -20.37 -7.10 16.39
CA LEU A 188 -20.30 -7.81 15.13
C LEU A 188 -19.57 -9.13 15.35
N THR A 189 -19.89 -10.12 14.54
CA THR A 189 -19.12 -11.36 14.58
C THR A 189 -17.69 -11.12 14.07
N LYS A 190 -16.82 -12.09 14.36
CA LYS A 190 -15.46 -12.03 13.81
C LYS A 190 -15.48 -11.93 12.30
N LYS A 191 -16.32 -12.74 11.64
CA LYS A 191 -16.41 -12.68 10.19
C LYS A 191 -16.93 -11.33 9.73
N GLN A 192 -17.91 -10.76 10.43
CA GLN A 192 -18.43 -9.46 10.04
C GLN A 192 -17.36 -8.39 10.18
N ARG A 193 -16.61 -8.40 11.30
CA ARG A 193 -15.54 -7.43 11.49
C ARG A 193 -14.47 -7.55 10.42
N GLN A 194 -14.11 -8.78 10.06
CA GLN A 194 -13.08 -8.98 9.05
C GLN A 194 -13.55 -8.46 7.69
N SER A 195 -14.79 -8.80 7.31
CA SER A 195 -15.35 -8.33 6.04
C SER A 195 -15.44 -6.82 6.02
N LEU A 196 -15.95 -6.22 7.10
CA LEU A 196 -16.10 -4.77 7.14
C LEU A 196 -14.75 -4.08 7.02
N ARG A 197 -13.76 -4.56 7.77
CA ARG A 197 -12.44 -3.95 7.72
C ARG A 197 -11.88 -3.97 6.30
N LYS A 198 -11.97 -5.11 5.61
CA LYS A 198 -11.48 -5.20 4.23
C LYS A 198 -12.21 -4.22 3.32
N MET A 199 -13.53 -4.11 3.44
CA MET A 199 -14.28 -3.22 2.54
C MET A 199 -13.95 -1.76 2.82
N VAL A 200 -13.83 -1.39 4.10
CA VAL A 200 -13.48 -0.02 4.44
C VAL A 200 -12.11 0.35 3.88
N ILE A 201 -11.15 -0.56 4.01
CA ILE A 201 -9.82 -0.27 3.46
C ILE A 201 -9.91 -0.09 1.96
N ASP A 202 -10.61 -1.00 1.28
CA ASP A 202 -10.72 -0.89 -0.17
C ASP A 202 -11.36 0.42 -0.59
N ILE A 203 -12.35 0.88 0.19
CA ILE A 203 -13.06 2.10 -0.19
C ILE A 203 -12.18 3.32 0.04
N VAL A 204 -11.60 3.43 1.23
CA VAL A 204 -10.84 4.67 1.51
C VAL A 204 -9.59 4.76 0.63
N LEU A 205 -8.94 3.63 0.32
CA LEU A 205 -7.78 3.74 -0.56
C LEU A 205 -8.18 4.23 -1.93
N ALA A 206 -9.41 3.92 -2.36
CA ALA A 206 -9.88 4.39 -3.66
C ALA A 206 -10.15 5.89 -3.69
N THR A 207 -10.10 6.61 -2.55
CA THR A 207 -10.32 8.07 -2.58
C THR A 207 -9.04 8.83 -2.87
N ASP A 208 -7.90 8.12 -2.97
CA ASP A 208 -6.66 8.73 -3.44
C ASP A 208 -6.87 9.30 -4.85
N MET A 209 -6.68 10.60 -5.01
CA MET A 209 -7.00 11.24 -6.27
C MET A 209 -6.16 10.73 -7.42
N SER A 210 -4.99 10.16 -7.14
CA SER A 210 -4.19 9.65 -8.24
C SER A 210 -4.78 8.39 -8.85
N LYS A 211 -5.76 7.75 -8.20
CA LYS A 211 -6.46 6.59 -8.75
C LYS A 211 -7.71 6.97 -9.54
N HIS A 212 -7.99 8.27 -9.68
CA HIS A 212 -9.27 8.70 -10.26
C HIS A 212 -9.44 8.17 -11.68
N MET A 213 -8.41 8.30 -12.51
CA MET A 213 -8.57 7.86 -13.90
C MET A 213 -8.86 6.36 -13.99
N ASN A 214 -8.17 5.54 -13.20
CA ASN A 214 -8.39 4.10 -13.24
C ASN A 214 -9.77 3.74 -12.71
N LEU A 215 -10.19 4.39 -11.62
CA LEU A 215 -11.50 4.12 -11.07
C LEU A 215 -12.60 4.47 -12.07
N LEU A 216 -12.45 5.61 -12.75
CA LEU A 216 -13.45 6.03 -13.73
C LEU A 216 -13.47 5.11 -14.93
N ALA A 217 -12.30 4.65 -15.38
CA ALA A 217 -12.28 3.74 -16.52
C ALA A 217 -13.03 2.46 -16.20
N ASP A 218 -12.85 1.93 -14.98
CA ASP A 218 -13.58 0.74 -14.58
C ASP A 218 -15.07 1.00 -14.45
N LEU A 219 -15.44 2.18 -13.95
CA LEU A 219 -16.85 2.49 -13.84
C LEU A 219 -17.48 2.58 -15.23
N LYS A 220 -16.77 3.20 -16.19
CA LYS A 220 -17.25 3.25 -17.57
C LYS A 220 -17.46 1.83 -18.12
N THR A 221 -16.51 0.93 -17.86
CA THR A 221 -16.67 -0.44 -18.34
C THR A 221 -17.91 -1.09 -17.72
N MET A 222 -18.17 -0.83 -16.44
CA MET A 222 -19.34 -1.44 -15.82
C MET A 222 -20.62 -0.89 -16.42
N VAL A 223 -20.66 0.42 -16.67
CA VAL A 223 -21.82 1.01 -17.33
C VAL A 223 -22.04 0.35 -18.70
N GLU A 224 -20.96 0.21 -19.48
CA GLU A 224 -21.13 -0.34 -20.82
C GLU A 224 -21.53 -1.81 -20.82
N THR A 225 -21.36 -2.51 -19.70
CA THR A 225 -21.73 -3.92 -19.59
C THR A 225 -22.82 -4.14 -18.53
N LYS A 226 -23.56 -3.08 -18.19
CA LYS A 226 -24.49 -3.10 -17.08
C LYS A 226 -25.56 -4.18 -17.23
N LYS A 227 -25.89 -4.84 -16.12
CA LYS A 227 -27.01 -5.78 -16.07
C LYS A 227 -27.91 -5.38 -14.92
N VAL A 228 -29.22 -5.58 -15.12
CA VAL A 228 -30.21 -5.20 -14.13
C VAL A 228 -31.09 -6.40 -13.84
N THR A 229 -31.53 -6.53 -12.59
CA THR A 229 -32.35 -7.65 -12.17
C THR A 229 -33.80 -7.47 -12.63
N SER A 230 -34.61 -8.49 -12.31
CA SER A 230 -36.05 -8.45 -12.56
C SER A 230 -36.70 -7.23 -11.95
N SER A 231 -36.21 -6.79 -10.78
CA SER A 231 -36.77 -5.65 -10.08
C SER A 231 -36.25 -4.32 -10.60
N GLY A 232 -35.41 -4.33 -11.63
CA GLY A 232 -34.88 -3.13 -12.23
C GLY A 232 -33.68 -2.52 -11.54
N VAL A 233 -33.12 -3.17 -10.51
CA VAL A 233 -31.97 -2.64 -9.81
C VAL A 233 -30.69 -3.26 -10.37
N LEU A 234 -29.55 -2.69 -10.01
CA LEU A 234 -28.28 -3.14 -10.56
C LEU A 234 -27.91 -4.53 -10.08
N LEU A 235 -27.43 -5.36 -11.00
CA LEU A 235 -27.01 -6.73 -10.69
C LEU A 235 -25.50 -6.73 -10.41
N LEU A 236 -25.15 -6.98 -9.14
CA LEU A 236 -23.75 -6.99 -8.68
C LEU A 236 -23.51 -8.30 -7.93
N ASP A 237 -22.92 -9.29 -8.60
CA ASP A 237 -22.92 -10.64 -8.06
C ASP A 237 -21.51 -11.15 -7.75
N ASN A 238 -20.54 -10.26 -7.53
CA ASN A 238 -19.22 -10.68 -7.09
C ASN A 238 -18.60 -9.53 -6.33
N TYR A 239 -17.61 -9.87 -5.49
CA TYR A 239 -17.01 -8.84 -4.65
C TYR A 239 -16.44 -7.69 -5.47
N SER A 240 -15.76 -8.01 -6.58
CA SER A 240 -15.06 -6.97 -7.32
C SER A 240 -16.04 -5.91 -7.85
N ASP A 241 -17.14 -6.35 -8.47
CA ASP A 241 -18.16 -5.40 -8.93
C ASP A 241 -18.82 -4.67 -7.76
N ARG A 242 -19.11 -5.36 -6.66
CA ARG A 242 -19.77 -4.69 -5.54
C ARG A 242 -18.88 -3.62 -4.91
N ILE A 243 -17.60 -3.95 -4.69
CA ILE A 243 -16.70 -2.99 -4.05
C ILE A 243 -16.39 -1.85 -5.01
N GLN A 244 -16.41 -2.11 -6.33
CA GLN A 244 -16.16 -1.03 -7.28
C GLN A 244 -17.28 -0.01 -7.24
N VAL A 245 -18.52 -0.46 -7.12
CA VAL A 245 -19.62 0.50 -7.02
C VAL A 245 -19.50 1.31 -5.74
N LEU A 246 -19.15 0.65 -4.62
CA LEU A 246 -19.01 1.39 -3.36
C LEU A 246 -17.82 2.35 -3.42
N GLN A 247 -16.73 1.94 -4.06
CA GLN A 247 -15.59 2.83 -4.20
C GLN A 247 -15.99 4.07 -5.00
N ASN A 248 -16.62 3.86 -6.16
CA ASN A 248 -17.02 4.99 -6.97
C ASN A 248 -18.09 5.83 -6.27
N MET A 249 -18.98 5.21 -5.49
CA MET A 249 -19.98 6.00 -4.77
C MET A 249 -19.32 6.98 -3.80
N VAL A 250 -18.38 6.48 -2.98
CA VAL A 250 -17.74 7.36 -2.02
C VAL A 250 -16.87 8.39 -2.74
N HIS A 251 -16.23 8.00 -3.85
CA HIS A 251 -15.44 8.96 -4.65
C HIS A 251 -16.32 10.05 -5.24
N CYS A 252 -17.50 9.68 -5.77
CA CYS A 252 -18.48 10.69 -6.22
C CYS A 252 -18.88 11.61 -5.08
N ALA A 253 -19.11 11.05 -3.89
CA ALA A 253 -19.49 11.89 -2.75
C ALA A 253 -18.36 12.84 -2.38
N ASP A 254 -17.12 12.34 -2.43
CA ASP A 254 -15.95 13.16 -2.15
C ASP A 254 -15.85 14.30 -3.16
N LEU A 255 -16.21 14.05 -4.42
CA LEU A 255 -16.14 15.04 -5.49
C LEU A 255 -17.52 15.59 -5.79
N SER A 256 -18.38 15.79 -4.77
CA SER A 256 -19.75 16.21 -5.04
C SER A 256 -19.97 17.72 -4.89
N ASN A 257 -18.96 18.49 -4.46
CA ASN A 257 -19.23 19.91 -4.19
C ASN A 257 -19.82 20.64 -5.38
N PRO A 258 -19.32 20.48 -6.62
CA PRO A 258 -19.90 21.24 -7.74
C PRO A 258 -21.30 20.78 -8.14
N THR A 259 -21.82 19.68 -7.57
CA THR A 259 -23.17 19.24 -7.85
C THR A 259 -24.18 19.79 -6.86
N LYS A 260 -23.73 20.56 -5.88
CA LYS A 260 -24.60 21.07 -4.84
C LYS A 260 -25.13 22.43 -5.23
N PRO A 261 -26.23 22.87 -4.59
CA PRO A 261 -26.69 24.25 -4.77
C PRO A 261 -25.55 25.25 -4.64
N LEU A 262 -25.60 26.28 -5.48
CA LEU A 262 -24.45 27.16 -5.69
C LEU A 262 -23.94 27.78 -4.39
N GLN A 263 -24.85 28.14 -3.47
CA GLN A 263 -24.40 28.80 -2.25
C GLN A 263 -23.54 27.85 -1.38
N LEU A 264 -23.74 26.53 -1.51
CA LEU A 264 -22.86 25.57 -0.85
C LEU A 264 -21.57 25.38 -1.63
N TYR A 265 -21.70 25.19 -2.93
CA TYR A 265 -20.54 24.99 -3.80
C TYR A 265 -19.55 26.14 -3.68
N ARG A 266 -20.04 27.38 -3.66
CA ARG A 266 -19.09 28.48 -3.59
C ARG A 266 -18.35 28.50 -2.26
N GLN A 267 -18.99 28.07 -1.17
CA GLN A 267 -18.26 28.01 0.10
C GLN A 267 -17.19 26.94 0.03
N TRP A 268 -17.49 25.80 -0.61
CA TRP A 268 -16.46 24.77 -0.72
C TRP A 268 -15.30 25.25 -1.60
N THR A 269 -15.60 26.03 -2.64
CA THR A 269 -14.53 26.57 -3.48
C THR A 269 -13.68 27.55 -2.68
N ASP A 270 -14.32 28.42 -1.90
CA ASP A 270 -13.56 29.35 -1.08
C ASP A 270 -12.62 28.57 -0.17
N ARG A 271 -13.09 27.45 0.36
CA ARG A 271 -12.30 26.71 1.34
C ARG A 271 -11.15 25.92 0.68
N ILE A 272 -11.39 25.28 -0.47
CA ILE A 272 -10.29 24.53 -1.09
C ILE A 272 -9.24 25.50 -1.60
N MET A 273 -9.66 26.70 -2.05
CA MET A 273 -8.67 27.65 -2.53
C MET A 273 -7.81 28.17 -1.39
N GLU A 274 -8.40 28.34 -0.20
CA GLU A 274 -7.60 28.73 0.95
C GLU A 274 -6.54 27.67 1.28
N GLU A 275 -6.96 26.40 1.31
CA GLU A 275 -6.01 25.31 1.56
C GLU A 275 -4.94 25.24 0.47
N PHE A 276 -5.36 25.36 -0.80
CA PHE A 276 -4.41 25.32 -1.92
C PHE A 276 -3.42 26.48 -1.83
N PHE A 277 -3.91 27.69 -1.58
CA PHE A 277 -3.00 28.84 -1.52
C PHE A 277 -2.03 28.72 -0.37
N ARG A 278 -2.46 28.15 0.76
CA ARG A 278 -1.52 28.03 1.87
C ARG A 278 -0.48 26.96 1.61
N GLN A 279 -0.85 25.90 0.89
CA GLN A 279 0.14 24.93 0.44
C GLN A 279 1.13 25.59 -0.51
N GLY A 280 0.61 26.35 -1.47
CA GLY A 280 1.49 27.06 -2.41
C GLY A 280 2.44 28.03 -1.71
N ASP A 281 1.96 28.71 -0.66
CA ASP A 281 2.84 29.58 0.11
C ASP A 281 3.97 28.79 0.76
N ARG A 282 3.69 27.56 1.23
CA ARG A 282 4.75 26.74 1.81
C ARG A 282 5.68 26.23 0.71
N GLU A 283 5.14 25.88 -0.46
CA GLU A 283 6.00 25.46 -1.57
C GLU A 283 6.92 26.59 -2.01
N ARG A 284 6.35 27.78 -2.23
CA ARG A 284 7.15 28.91 -2.66
C ARG A 284 8.23 29.22 -1.63
N GLU A 285 7.85 29.20 -0.36
CA GLU A 285 8.81 29.52 0.70
C GLU A 285 9.93 28.50 0.76
N ARG A 286 9.67 27.27 0.36
CA ARG A 286 10.69 26.22 0.33
C ARG A 286 11.44 26.15 -0.99
N GLY A 287 11.14 27.03 -1.93
CA GLY A 287 11.81 26.97 -3.21
C GLY A 287 11.36 25.84 -4.10
N MET A 288 10.23 25.21 -3.80
CA MET A 288 9.67 24.15 -4.63
C MET A 288 8.81 24.76 -5.74
N GLU A 289 8.56 23.96 -6.78
CA GLU A 289 7.58 24.34 -7.77
C GLU A 289 6.19 24.35 -7.14
N ILE A 290 5.39 25.34 -7.50
CA ILE A 290 4.07 25.47 -6.91
C ILE A 290 3.10 24.54 -7.63
N SER A 291 2.27 23.85 -6.86
CA SER A 291 1.34 22.90 -7.41
C SER A 291 0.29 23.60 -8.27
N PRO A 292 -0.33 22.89 -9.20
CA PRO A 292 -1.46 23.46 -9.95
C PRO A 292 -2.52 24.03 -9.01
N MET A 293 -2.97 25.25 -9.34
CA MET A 293 -4.01 25.98 -8.62
C MET A 293 -3.58 26.48 -7.25
N CYS A 294 -2.29 26.40 -6.89
CA CYS A 294 -1.84 26.76 -5.55
C CYS A 294 -1.10 28.09 -5.49
N ASP A 295 -0.92 28.78 -6.61
CA ASP A 295 -0.15 30.02 -6.63
C ASP A 295 -1.14 31.18 -6.55
N LYS A 296 -1.25 31.80 -5.38
CA LYS A 296 -2.24 32.86 -5.20
C LYS A 296 -1.91 34.09 -6.02
N HIS A 297 -0.70 34.20 -6.56
CA HIS A 297 -0.36 35.35 -7.38
C HIS A 297 -0.71 35.15 -8.85
N ASN A 298 -0.93 33.91 -9.28
CA ASN A 298 -1.17 33.58 -10.69
C ASN A 298 -2.26 32.52 -10.80
N ALA A 299 -3.33 32.67 -10.02
CA ALA A 299 -4.43 31.73 -10.02
C ALA A 299 -5.67 32.36 -10.63
N SER A 300 -6.46 31.55 -11.32
CA SER A 300 -7.82 31.94 -11.70
C SER A 300 -8.77 30.94 -11.03
N VAL A 301 -9.47 31.40 -10.00
CA VAL A 301 -10.34 30.48 -9.28
C VAL A 301 -11.42 29.96 -10.19
N GLU A 302 -11.99 30.85 -11.01
CA GLU A 302 -13.16 30.48 -11.81
C GLU A 302 -12.76 29.55 -12.94
N LYS A 303 -11.69 29.88 -13.66
CA LYS A 303 -11.22 28.98 -14.72
C LYS A 303 -10.85 27.62 -14.16
N SER A 304 -10.27 27.59 -12.96
CA SER A 304 -9.90 26.33 -12.33
C SER A 304 -11.13 25.49 -12.02
N GLN A 305 -12.23 26.12 -11.58
CA GLN A 305 -13.43 25.36 -11.30
C GLN A 305 -14.03 24.81 -12.58
N VAL A 306 -14.03 25.61 -13.68
CA VAL A 306 -14.61 25.12 -14.92
C VAL A 306 -13.79 23.92 -15.44
N GLY A 307 -12.46 24.04 -15.37
CA GLY A 307 -11.64 22.91 -15.78
C GLY A 307 -11.81 21.69 -14.89
N PHE A 308 -11.95 21.92 -13.58
CA PHE A 308 -12.18 20.82 -12.65
C PHE A 308 -13.45 20.08 -13.02
N ILE A 309 -14.53 20.82 -13.27
CA ILE A 309 -15.78 20.19 -13.69
C ILE A 309 -15.61 19.47 -15.02
N ASP A 310 -14.99 20.14 -16.00
CA ASP A 310 -14.97 19.60 -17.36
C ASP A 310 -14.10 18.35 -17.46
N TYR A 311 -13.00 18.27 -16.73
CA TYR A 311 -12.06 17.16 -16.91
C TYR A 311 -12.15 16.09 -15.85
N ILE A 312 -12.72 16.41 -14.68
CA ILE A 312 -12.82 15.48 -13.54
C ILE A 312 -14.27 15.22 -13.13
N VAL A 313 -14.98 16.28 -12.69
CA VAL A 313 -16.21 16.04 -11.95
C VAL A 313 -17.34 15.62 -12.88
N HIS A 314 -17.52 16.32 -14.00
CA HIS A 314 -18.62 15.95 -14.87
C HIS A 314 -18.40 14.59 -15.54
N PRO A 315 -17.21 14.28 -16.06
CA PRO A 315 -16.99 12.89 -16.54
C PRO A 315 -17.38 11.84 -15.50
N LEU A 316 -16.98 12.03 -14.25
CA LEU A 316 -17.31 11.06 -13.20
C LEU A 316 -18.81 11.01 -12.98
N TRP A 317 -19.45 12.18 -12.75
CA TRP A 317 -20.86 12.17 -12.41
C TRP A 317 -21.75 11.75 -13.58
N GLU A 318 -21.36 12.08 -14.81
CA GLU A 318 -22.12 11.64 -15.97
C GLU A 318 -22.11 10.13 -16.06
N THR A 319 -20.99 9.52 -15.67
CA THR A 319 -20.90 8.06 -15.71
C THR A 319 -21.70 7.44 -14.57
N TRP A 320 -21.60 8.01 -13.38
CA TRP A 320 -22.44 7.57 -12.28
C TRP A 320 -23.92 7.69 -12.65
N ALA A 321 -24.28 8.83 -13.23
CA ALA A 321 -25.68 9.02 -13.61
C ALA A 321 -26.15 7.98 -14.61
N ASP A 322 -25.27 7.56 -15.54
CA ASP A 322 -25.61 6.47 -16.46
C ASP A 322 -25.79 5.16 -15.70
N LEU A 323 -24.97 4.91 -14.68
CA LEU A 323 -25.09 3.67 -13.94
C LEU A 323 -26.45 3.56 -13.26
N VAL A 324 -26.96 4.68 -12.73
CA VAL A 324 -28.20 4.66 -11.95
C VAL A 324 -29.33 5.40 -12.66
N HIS A 325 -29.26 5.52 -13.97
CA HIS A 325 -30.24 6.30 -14.71
C HIS A 325 -31.66 5.82 -14.41
N PRO A 326 -32.63 6.74 -14.24
CA PRO A 326 -32.46 8.20 -14.30
C PRO A 326 -32.29 8.90 -12.95
N ASP A 327 -31.90 8.12 -11.94
CA ASP A 327 -31.92 8.58 -10.54
C ASP A 327 -31.16 9.88 -10.31
N ALA A 328 -30.04 10.07 -10.99
CA ALA A 328 -29.16 11.20 -10.67
C ALA A 328 -29.33 12.38 -11.62
N GLN A 329 -30.41 12.39 -12.39
CA GLN A 329 -30.55 13.43 -13.41
C GLN A 329 -30.56 14.83 -12.80
N ASP A 330 -31.18 15.00 -11.62
CA ASP A 330 -31.24 16.34 -11.03
C ASP A 330 -29.89 16.79 -10.51
N ILE A 331 -29.09 15.84 -9.99
CA ILE A 331 -27.74 16.15 -9.52
C ILE A 331 -26.89 16.61 -10.69
N LEU A 332 -26.98 15.87 -11.81
CA LEU A 332 -26.25 16.22 -13.03
C LEU A 332 -26.72 17.58 -13.57
N ASP A 333 -28.03 17.84 -13.53
CA ASP A 333 -28.55 19.14 -13.96
C ASP A 333 -27.95 20.27 -13.13
N THR A 334 -27.85 20.08 -11.82
CA THR A 334 -27.28 21.14 -10.98
C THR A 334 -25.81 21.35 -11.30
N LEU A 335 -25.06 20.27 -11.47
CA LEU A 335 -23.65 20.37 -11.84
C LEU A 335 -23.49 21.17 -13.12
N GLU A 336 -24.33 20.87 -14.11
CA GLU A 336 -24.21 21.55 -15.38
C GLU A 336 -24.59 23.03 -15.24
N ASP A 337 -25.61 23.34 -14.43
CA ASP A 337 -25.94 24.74 -14.19
C ASP A 337 -24.79 25.46 -13.51
N ASN A 338 -24.15 24.82 -12.54
CA ASN A 338 -23.08 25.47 -11.79
C ASN A 338 -21.88 25.71 -12.68
N ARG A 339 -21.59 24.75 -13.58
CA ARG A 339 -20.55 24.95 -14.57
C ARG A 339 -20.84 26.17 -15.43
N GLU A 340 -22.07 26.27 -15.94
CA GLU A 340 -22.47 27.44 -16.71
C GLU A 340 -22.28 28.72 -15.90
N TRP A 341 -22.60 28.68 -14.61
CA TRP A 341 -22.48 29.92 -13.84
C TRP A 341 -21.02 30.33 -13.69
N TYR A 342 -20.14 29.39 -13.27
CA TYR A 342 -18.74 29.76 -13.12
C TYR A 342 -18.16 30.22 -14.45
N GLN A 343 -18.54 29.57 -15.55
CA GLN A 343 -18.07 29.99 -16.86
C GLN A 343 -18.46 31.43 -17.14
N SER A 344 -19.69 31.79 -16.73
CA SER A 344 -20.19 33.13 -17.04
C SER A 344 -19.46 34.22 -16.26
N THR A 345 -18.76 33.88 -15.18
CA THR A 345 -17.98 34.87 -14.45
C THR A 345 -16.62 35.13 -15.09
N ILE A 346 -16.24 34.33 -16.07
CA ILE A 346 -14.95 34.51 -16.73
C ILE A 346 -15.06 35.63 -17.75
N PRO A 347 -16.02 35.57 -18.71
CA PRO A 347 -16.16 36.46 -19.87
C PRO A 347 -16.26 37.95 -19.52
N GLN B 24 41.89 -15.30 11.38
CA GLN B 24 40.43 -15.12 11.35
C GLN B 24 40.04 -14.13 10.27
N GLU B 25 40.66 -12.94 10.32
CA GLU B 25 40.42 -11.95 9.27
C GLU B 25 41.04 -12.37 7.94
N ASP B 26 42.07 -13.20 7.96
CA ASP B 26 42.69 -13.66 6.72
C ASP B 26 41.85 -14.75 6.06
N VAL B 27 41.28 -15.66 6.84
CA VAL B 27 40.38 -16.65 6.26
C VAL B 27 39.03 -16.03 5.93
N LEU B 28 38.59 -15.04 6.71
CA LEU B 28 37.42 -14.26 6.31
C LEU B 28 37.63 -13.66 4.93
N ALA B 29 38.86 -13.21 4.65
CA ALA B 29 39.17 -12.63 3.35
C ALA B 29 39.13 -13.68 2.25
N LYS B 30 39.60 -14.89 2.53
CA LYS B 30 39.61 -15.93 1.50
C LYS B 30 38.19 -16.37 1.15
N GLU B 31 37.31 -16.45 2.15
CA GLU B 31 35.92 -16.78 1.87
C GLU B 31 35.28 -15.70 1.00
N LEU B 32 35.63 -14.43 1.25
CA LEU B 32 35.07 -13.33 0.48
C LEU B 32 35.52 -13.36 -0.98
N GLU B 33 36.59 -14.09 -1.29
CA GLU B 33 37.04 -14.19 -2.68
C GLU B 33 36.00 -14.85 -3.58
N ASP B 34 35.02 -15.54 -2.99
CA ASP B 34 33.96 -16.21 -3.75
C ASP B 34 32.65 -15.42 -3.80
N VAL B 35 32.67 -14.12 -3.49
CA VAL B 35 31.45 -13.34 -3.53
C VAL B 35 30.76 -13.41 -4.88
N ASN B 36 31.50 -13.72 -5.95
CA ASN B 36 30.91 -13.79 -7.28
C ASN B 36 30.39 -15.18 -7.61
N LYS B 37 30.37 -16.10 -6.65
CA LYS B 37 29.97 -17.47 -6.92
C LYS B 37 28.71 -17.83 -6.13
N TRP B 38 27.84 -18.57 -6.81
CA TRP B 38 26.70 -19.20 -6.15
C TRP B 38 27.20 -20.21 -5.12
N GLY B 39 26.68 -20.13 -3.90
CA GLY B 39 27.10 -21.05 -2.87
C GLY B 39 28.22 -20.56 -1.99
N LEU B 40 28.42 -19.24 -1.91
CA LEU B 40 29.26 -18.62 -0.89
C LEU B 40 28.98 -19.22 0.47
N HIS B 41 30.04 -19.38 1.28
CA HIS B 41 29.92 -19.97 2.61
C HIS B 41 29.47 -18.91 3.61
N VAL B 42 28.19 -18.52 3.48
CA VAL B 42 27.70 -17.34 4.22
C VAL B 42 27.68 -17.59 5.72
N PHE B 43 27.49 -18.83 6.16
CA PHE B 43 27.41 -19.08 7.59
C PHE B 43 28.77 -18.99 8.26
N ARG B 44 29.80 -19.54 7.60
CA ARG B 44 31.17 -19.31 8.07
C ARG B 44 31.49 -17.81 8.10
N ILE B 45 31.08 -17.08 7.05
CA ILE B 45 31.37 -15.66 7.00
C ILE B 45 30.69 -14.94 8.18
N ALA B 46 29.47 -15.38 8.53
CA ALA B 46 28.80 -14.82 9.71
C ALA B 46 29.59 -15.11 10.98
N GLU B 47 30.05 -16.36 11.14
CA GLU B 47 30.89 -16.70 12.29
C GLU B 47 32.23 -15.96 12.28
N LEU B 48 32.92 -15.90 11.13
CA LEU B 48 34.24 -15.30 11.12
C LEU B 48 34.21 -13.78 11.25
N SER B 49 33.09 -13.14 10.94
CA SER B 49 32.97 -11.69 11.01
C SER B 49 32.36 -11.20 12.32
N GLY B 50 32.26 -12.05 13.33
CA GLY B 50 31.61 -11.70 14.58
C GLY B 50 30.13 -11.35 14.47
N ASN B 51 29.40 -12.08 13.62
CA ASN B 51 27.98 -11.84 13.34
C ASN B 51 27.73 -10.50 12.65
N ARG B 52 28.59 -10.16 11.69
CA ARG B 52 28.34 -9.04 10.78
C ARG B 52 28.44 -9.47 9.32
N PRO B 53 27.72 -10.52 8.92
CA PRO B 53 27.80 -10.95 7.52
C PRO B 53 27.22 -9.92 6.57
N LEU B 54 26.16 -9.22 6.98
CA LEU B 54 25.59 -8.22 6.09
C LEU B 54 26.56 -7.08 5.84
N THR B 55 27.21 -6.59 6.89
CA THR B 55 28.16 -5.49 6.73
C THR B 55 29.33 -5.89 5.83
N VAL B 56 29.95 -7.05 6.09
CA VAL B 56 31.17 -7.32 5.32
C VAL B 56 30.85 -7.75 3.89
N ILE B 57 29.71 -8.42 3.68
CA ILE B 57 29.35 -8.83 2.32
C ILE B 57 28.92 -7.63 1.49
N MET B 58 28.10 -6.74 2.06
CA MET B 58 27.72 -5.53 1.33
C MET B 58 28.97 -4.71 0.96
N HIS B 59 29.88 -4.54 1.91
CA HIS B 59 31.09 -3.76 1.64
C HIS B 59 31.87 -4.36 0.48
N THR B 60 32.06 -5.69 0.51
CA THR B 60 32.81 -6.35 -0.54
C THR B 60 32.15 -6.16 -1.90
N ILE B 61 30.82 -6.30 -1.96
CA ILE B 61 30.11 -6.16 -3.23
C ILE B 61 30.19 -4.72 -3.73
N PHE B 62 30.12 -3.74 -2.83
CA PHE B 62 30.21 -2.35 -3.28
C PHE B 62 31.58 -2.07 -3.87
N GLN B 63 32.62 -2.72 -3.36
CA GLN B 63 33.94 -2.58 -3.95
C GLN B 63 34.05 -3.34 -5.26
N GLU B 64 33.51 -4.56 -5.32
CA GLU B 64 33.58 -5.34 -6.54
C GLU B 64 32.88 -4.65 -7.71
N ARG B 65 31.75 -3.99 -7.46
CA ARG B 65 31.00 -3.32 -8.49
C ARG B 65 31.36 -1.85 -8.63
N ASP B 66 32.34 -1.36 -7.86
CA ASP B 66 32.83 0.01 -7.95
C ASP B 66 31.72 1.02 -7.67
N LEU B 67 30.84 0.68 -6.72
CA LEU B 67 29.70 1.56 -6.45
C LEU B 67 30.08 2.73 -5.54
N LEU B 68 31.11 2.59 -4.70
CA LEU B 68 31.48 3.71 -3.84
C LEU B 68 32.10 4.84 -4.68
N LYS B 69 32.82 4.49 -5.73
CA LYS B 69 33.35 5.51 -6.63
C LYS B 69 32.26 6.06 -7.53
N THR B 70 31.40 5.19 -8.06
CA THR B 70 30.37 5.65 -8.99
C THR B 70 29.42 6.64 -8.33
N PHE B 71 29.09 6.43 -7.06
CA PHE B 71 28.11 7.27 -6.39
C PHE B 71 28.69 8.13 -5.28
N LYS B 72 30.03 8.21 -5.17
CA LYS B 72 30.67 9.10 -4.20
C LYS B 72 30.17 8.82 -2.78
N ILE B 73 30.21 7.55 -2.41
CA ILE B 73 29.76 7.09 -1.10
C ILE B 73 30.98 7.01 -0.19
N PRO B 74 31.06 7.82 0.87
CA PRO B 74 32.20 7.72 1.80
C PRO B 74 32.18 6.39 2.54
N VAL B 75 33.36 5.77 2.63
CA VAL B 75 33.45 4.42 3.19
C VAL B 75 32.89 4.39 4.61
N ASP B 76 33.25 5.38 5.43
CA ASP B 76 32.86 5.37 6.83
C ASP B 76 31.34 5.48 6.97
N THR B 77 30.72 6.26 6.09
CA THR B 77 29.25 6.33 6.06
C THR B 77 28.65 5.00 5.62
N LEU B 78 29.27 4.35 4.63
CA LEU B 78 28.77 3.04 4.21
C LEU B 78 28.80 2.05 5.37
N ILE B 79 29.90 2.06 6.14
CA ILE B 79 30.02 1.12 7.25
C ILE B 79 29.07 1.49 8.39
N THR B 80 28.99 2.79 8.71
CA THR B 80 28.10 3.23 9.78
C THR B 80 26.66 2.82 9.51
N TYR B 81 26.17 3.08 8.30
CA TYR B 81 24.81 2.68 7.96
C TYR B 81 24.64 1.16 7.98
N LEU B 82 25.61 0.43 7.41
CA LEU B 82 25.48 -1.02 7.31
C LEU B 82 25.40 -1.65 8.70
N MET B 83 26.21 -1.18 9.64
CA MET B 83 26.17 -1.73 10.99
C MET B 83 24.87 -1.38 11.70
N THR B 84 24.39 -0.14 11.51
CA THR B 84 23.08 0.26 12.04
C THR B 84 21.95 -0.59 11.47
N LEU B 85 21.97 -0.79 10.15
CA LEU B 85 20.97 -1.65 9.51
C LEU B 85 21.06 -3.06 10.06
N GLU B 86 22.28 -3.60 10.14
CA GLU B 86 22.46 -4.96 10.66
C GLU B 86 21.90 -5.09 12.08
N ASP B 87 22.08 -4.05 12.90
CA ASP B 87 21.57 -4.03 14.27
C ASP B 87 20.05 -4.13 14.36
N HIS B 88 19.33 -3.73 13.31
CA HIS B 88 17.87 -3.75 13.37
C HIS B 88 17.30 -5.04 12.82
N TYR B 89 18.15 -5.99 12.42
CA TYR B 89 17.73 -7.38 12.26
C TYR B 89 17.77 -8.06 13.63
N HIS B 90 16.79 -8.91 13.92
CA HIS B 90 16.67 -9.50 15.25
C HIS B 90 17.58 -10.71 15.39
N ALA B 91 18.34 -10.75 16.48
CA ALA B 91 19.25 -11.87 16.69
C ALA B 91 18.55 -13.12 17.19
N ASP B 92 17.32 -13.00 17.68
CA ASP B 92 16.60 -14.14 18.21
C ASP B 92 15.55 -14.69 17.25
N VAL B 93 15.61 -14.33 15.97
CA VAL B 93 14.76 -14.97 14.97
C VAL B 93 15.66 -15.87 14.13
N ALA B 94 15.23 -17.12 13.93
CA ALA B 94 16.16 -18.14 13.40
C ALA B 94 16.47 -17.93 11.93
N TYR B 95 15.51 -17.39 11.16
CA TYR B 95 15.70 -17.29 9.73
C TYR B 95 15.81 -15.83 9.26
N HIS B 96 14.82 -14.99 9.57
CA HIS B 96 14.77 -13.64 9.01
C HIS B 96 15.65 -12.67 9.79
N ASN B 97 16.95 -12.96 9.78
CA ASN B 97 17.92 -12.20 10.51
C ASN B 97 18.95 -11.64 9.52
N ASN B 98 20.07 -11.17 10.06
CA ASN B 98 21.08 -10.52 9.22
C ASN B 98 21.81 -11.51 8.31
N ILE B 99 21.84 -12.80 8.64
CA ILE B 99 22.48 -13.77 7.75
C ILE B 99 21.66 -13.96 6.49
N HIS B 100 20.34 -14.07 6.64
CA HIS B 100 19.45 -14.11 5.49
C HIS B 100 19.64 -12.87 4.63
N ALA B 101 19.67 -11.69 5.25
CA ALA B 101 19.81 -10.46 4.46
C ALA B 101 21.12 -10.47 3.69
N ALA B 102 22.18 -10.96 4.31
CA ALA B 102 23.47 -11.02 3.62
C ALA B 102 23.44 -11.99 2.46
N ASP B 103 22.76 -13.13 2.64
CA ASP B 103 22.62 -14.13 1.60
C ASP B 103 21.83 -13.59 0.41
N VAL B 104 20.72 -12.88 0.66
CA VAL B 104 19.92 -12.37 -0.46
C VAL B 104 20.69 -11.29 -1.19
N VAL B 105 21.44 -10.45 -0.46
CA VAL B 105 22.30 -9.46 -1.08
C VAL B 105 23.29 -10.15 -2.01
N GLN B 106 23.94 -11.21 -1.52
CA GLN B 106 24.98 -11.84 -2.31
C GLN B 106 24.39 -12.56 -3.51
N SER B 107 23.20 -13.15 -3.33
CA SER B 107 22.55 -13.89 -4.41
C SER B 107 22.11 -12.93 -5.52
N THR B 108 21.50 -11.80 -5.14
CA THR B 108 21.17 -10.78 -6.11
C THR B 108 22.39 -10.29 -6.85
N HIS B 109 23.49 -10.09 -6.13
CA HIS B 109 24.72 -9.66 -6.79
C HIS B 109 25.13 -10.64 -7.88
N VAL B 110 24.96 -11.95 -7.66
CA VAL B 110 25.38 -12.90 -8.69
C VAL B 110 24.40 -12.90 -9.87
N LEU B 111 23.11 -12.80 -9.58
CA LEU B 111 22.10 -12.81 -10.62
C LEU B 111 22.24 -11.61 -11.54
N LEU B 112 22.72 -10.49 -11.00
CA LEU B 112 22.89 -9.27 -11.81
C LEU B 112 23.99 -9.47 -12.83
N SER B 113 24.85 -10.46 -12.62
CA SER B 113 25.94 -10.79 -13.52
C SER B 113 25.60 -11.87 -14.53
N THR B 114 24.34 -12.32 -14.56
CA THR B 114 23.88 -13.24 -15.59
C THR B 114 24.29 -12.71 -16.97
N PRO B 115 24.92 -13.52 -17.83
CA PRO B 115 25.28 -12.99 -19.15
C PRO B 115 24.09 -12.46 -19.94
N ALA B 116 22.94 -13.15 -19.89
CA ALA B 116 21.77 -12.69 -20.64
C ALA B 116 21.28 -11.32 -20.21
N LEU B 117 21.82 -10.76 -19.13
CA LEU B 117 21.45 -9.44 -18.64
C LEU B 117 22.59 -8.43 -18.72
N GLU B 118 23.64 -8.74 -19.50
CA GLU B 118 24.92 -8.03 -19.38
C GLU B 118 24.78 -6.50 -19.52
N ALA B 119 23.96 -6.04 -20.46
CA ALA B 119 23.82 -4.59 -20.67
C ALA B 119 22.39 -4.12 -20.39
N VAL B 120 21.68 -4.77 -19.48
CA VAL B 120 20.29 -4.42 -19.29
C VAL B 120 20.12 -3.26 -18.32
N PHE B 121 20.78 -3.34 -17.15
CA PHE B 121 20.48 -2.45 -16.02
C PHE B 121 21.56 -1.39 -15.84
N THR B 122 21.13 -0.14 -15.62
CA THR B 122 22.04 0.96 -15.33
C THR B 122 22.70 0.78 -13.97
N ASP B 123 23.68 1.63 -13.66
CA ASP B 123 24.34 1.57 -12.36
C ASP B 123 23.38 1.90 -11.22
N LEU B 124 22.49 2.88 -11.40
CA LEU B 124 21.53 3.18 -10.34
C LEU B 124 20.56 2.01 -10.12
N GLU B 125 20.21 1.30 -11.19
CA GLU B 125 19.33 0.13 -11.07
C GLU B 125 20.03 -0.98 -10.32
N ILE B 126 21.31 -1.21 -10.64
CA ILE B 126 22.11 -2.16 -9.89
C ILE B 126 22.16 -1.76 -8.42
N LEU B 127 22.41 -0.47 -8.15
CA LEU B 127 22.44 0.03 -6.78
C LEU B 127 21.11 -0.21 -6.08
N ALA B 128 20.01 0.09 -6.74
CA ALA B 128 18.70 -0.12 -6.10
C ALA B 128 18.46 -1.58 -5.77
N ALA B 129 18.81 -2.49 -6.68
CA ALA B 129 18.53 -3.90 -6.39
C ALA B 129 19.34 -4.40 -5.21
N ILE B 130 20.56 -3.90 -5.05
CA ILE B 130 21.45 -4.37 -3.98
C ILE B 130 21.01 -3.79 -2.64
N PHE B 131 20.74 -2.47 -2.61
CA PHE B 131 20.26 -1.82 -1.40
C PHE B 131 18.93 -2.42 -0.96
N ALA B 132 18.03 -2.65 -1.91
CA ALA B 132 16.76 -3.28 -1.60
C ALA B 132 16.97 -4.64 -0.96
N SER B 133 17.91 -5.43 -1.50
CA SER B 133 18.19 -6.73 -0.90
C SER B 133 18.65 -6.61 0.55
N ALA B 134 19.50 -5.62 0.84
CA ALA B 134 20.06 -5.48 2.17
C ALA B 134 19.01 -5.11 3.20
N ILE B 135 18.04 -4.28 2.81
CA ILE B 135 17.02 -3.85 3.77
C ILE B 135 15.76 -4.71 3.75
N HIS B 136 15.66 -5.71 2.87
CA HIS B 136 14.32 -6.18 2.49
C HIS B 136 13.57 -6.89 3.61
N ASP B 137 14.25 -7.36 4.68
CA ASP B 137 13.58 -7.97 5.82
C ASP B 137 13.91 -7.28 7.14
N VAL B 138 14.40 -6.02 7.15
CA VAL B 138 14.91 -5.46 8.39
C VAL B 138 13.79 -5.31 9.42
N ASP B 139 14.10 -5.61 10.67
CA ASP B 139 13.16 -5.53 11.80
C ASP B 139 12.04 -6.57 11.68
N HIS B 140 12.33 -7.69 11.02
CA HIS B 140 11.34 -8.76 10.87
C HIS B 140 11.10 -9.43 12.22
N PRO B 141 9.85 -9.56 12.65
CA PRO B 141 9.55 -10.19 13.95
C PRO B 141 9.52 -11.71 13.92
N GLY B 142 9.72 -12.35 12.79
CA GLY B 142 9.70 -13.80 12.78
C GLY B 142 8.34 -14.43 12.65
N VAL B 143 7.30 -13.66 12.25
CA VAL B 143 5.96 -14.19 12.01
C VAL B 143 5.46 -13.60 10.69
N SER B 144 4.47 -14.27 10.10
CA SER B 144 4.01 -13.91 8.75
C SER B 144 3.07 -12.71 8.75
N ASN B 145 2.82 -12.18 7.54
CA ASN B 145 1.84 -11.11 7.41
C ASN B 145 0.48 -11.55 7.92
N GLN B 146 0.08 -12.78 7.57
CA GLN B 146 -1.23 -13.25 8.00
C GLN B 146 -1.32 -13.33 9.52
N PHE B 147 -0.24 -13.76 10.18
CA PHE B 147 -0.23 -13.75 11.63
C PHE B 147 -0.42 -12.33 12.16
N LEU B 148 0.33 -11.37 11.63
CA LEU B 148 0.18 -9.97 12.07
C LEU B 148 -1.22 -9.44 11.81
N ILE B 149 -1.85 -9.83 10.70
CA ILE B 149 -3.20 -9.36 10.40
C ILE B 149 -4.21 -9.99 11.36
N ASN B 150 -4.15 -11.31 11.50
CA ASN B 150 -5.14 -12.01 12.30
C ASN B 150 -5.00 -11.78 13.80
N THR B 151 -3.87 -11.25 14.27
CA THR B 151 -3.70 -10.90 15.67
C THR B 151 -3.91 -9.41 15.93
N ASN B 152 -4.35 -8.65 14.94
CA ASN B 152 -4.65 -7.23 15.15
C ASN B 152 -3.41 -6.49 15.65
N SER B 153 -2.26 -6.84 15.08
CA SER B 153 -1.01 -6.23 15.49
C SER B 153 -1.00 -4.75 15.16
N GLU B 154 -0.14 -4.02 15.86
CA GLU B 154 0.12 -2.62 15.56
C GLU B 154 0.60 -2.44 14.13
N LEU B 155 1.46 -3.35 13.66
CA LEU B 155 1.95 -3.25 12.29
C LEU B 155 0.81 -3.35 11.30
N ALA B 156 -0.08 -4.31 11.50
CA ALA B 156 -1.19 -4.46 10.56
C ALA B 156 -2.17 -3.29 10.66
N LEU B 157 -2.31 -2.70 11.85
CA LEU B 157 -3.13 -1.50 11.99
C LEU B 157 -2.48 -0.33 11.26
N MET B 158 -1.15 -0.20 11.36
CA MET B 158 -0.48 0.88 10.67
C MET B 158 -0.65 0.75 9.16
N TYR B 159 -0.51 -0.48 8.63
CA TYR B 159 -0.40 -0.68 7.19
C TYR B 159 -1.65 -1.25 6.54
N ASN B 160 -2.79 -1.26 7.26
CA ASN B 160 -4.08 -1.62 6.66
C ASN B 160 -4.01 -2.98 5.96
N ASP B 161 -3.33 -3.92 6.62
CA ASP B 161 -3.28 -5.33 6.23
C ASP B 161 -2.63 -5.56 4.86
N SER B 162 -2.00 -4.55 4.27
CA SER B 162 -1.46 -4.66 2.92
C SER B 162 0.08 -4.64 2.96
N SER B 163 0.70 -5.75 2.53
CA SER B 163 2.19 -5.90 2.54
C SER B 163 2.77 -5.35 3.84
N VAL B 164 2.23 -5.86 4.94
CA VAL B 164 2.48 -5.23 6.25
C VAL B 164 3.98 -5.24 6.58
N LEU B 165 4.59 -6.44 6.54
CA LEU B 165 6.01 -6.58 6.79
C LEU B 165 6.83 -5.74 5.81
N GLU B 166 6.50 -5.84 4.51
CA GLU B 166 7.39 -5.24 3.53
C GLU B 166 7.33 -3.71 3.58
N ASN B 167 6.16 -3.14 3.87
CA ASN B 167 6.11 -1.69 4.07
C ASN B 167 6.98 -1.29 5.26
N HIS B 168 6.96 -2.12 6.31
CA HIS B 168 7.75 -1.79 7.50
C HIS B 168 9.25 -1.91 7.23
N HIS B 169 9.66 -2.99 6.55
CA HIS B 169 11.09 -3.14 6.21
C HIS B 169 11.58 -1.91 5.47
N LEU B 170 10.81 -1.45 4.48
CA LEU B 170 11.18 -0.24 3.75
C LEU B 170 11.26 0.98 4.68
N ALA B 171 10.23 1.19 5.49
CA ALA B 171 10.21 2.39 6.32
C ALA B 171 11.40 2.42 7.28
N VAL B 172 11.76 1.26 7.86
CA VAL B 172 12.92 1.19 8.74
C VAL B 172 14.19 1.42 7.93
N GLY B 173 14.33 0.72 6.80
CA GLY B 173 15.55 0.85 6.01
C GLY B 173 15.84 2.28 5.58
N PHE B 174 14.81 3.02 5.18
CA PHE B 174 15.02 4.41 4.76
C PHE B 174 15.17 5.32 5.97
N LYS B 175 14.44 5.05 7.05
CA LYS B 175 14.54 5.93 8.22
C LYS B 175 15.95 5.90 8.80
N LEU B 176 16.61 4.73 8.77
CA LEU B 176 17.95 4.63 9.33
C LEU B 176 18.96 5.46 8.56
N LEU B 177 18.68 5.79 7.30
CA LEU B 177 19.55 6.71 6.56
C LEU B 177 19.64 8.08 7.23
N GLN B 178 18.71 8.44 8.10
CA GLN B 178 18.71 9.74 8.73
C GLN B 178 19.46 9.75 10.06
N GLU B 179 20.06 8.64 10.42
CA GLU B 179 20.92 8.61 11.59
C GLU B 179 22.25 9.25 11.25
N GLU B 180 23.00 9.62 12.29
CA GLU B 180 24.26 10.34 12.12
C GLU B 180 25.25 9.55 11.26
N ASN B 181 25.75 10.22 10.22
CA ASN B 181 26.68 9.64 9.24
C ASN B 181 26.17 8.32 8.66
N CYS B 182 24.84 8.25 8.44
CA CYS B 182 24.23 7.10 7.79
C CYS B 182 23.71 7.37 6.38
N ASP B 183 23.88 8.56 5.81
CA ASP B 183 23.23 8.87 4.53
C ASP B 183 24.16 8.50 3.37
N ILE B 184 24.16 7.22 3.02
CA ILE B 184 25.04 6.75 1.96
C ILE B 184 24.68 7.32 0.60
N PHE B 185 23.51 7.92 0.45
CA PHE B 185 23.08 8.53 -0.80
C PHE B 185 23.22 10.05 -0.81
N GLN B 186 23.99 10.62 0.13
CA GLN B 186 24.09 12.06 0.26
C GLN B 186 24.63 12.74 -1.00
N ASN B 187 25.39 12.02 -1.83
CA ASN B 187 26.01 12.64 -3.00
C ASN B 187 25.32 12.31 -4.31
N LEU B 188 24.27 11.52 -4.27
CA LEU B 188 23.40 11.36 -5.42
C LEU B 188 22.66 12.67 -5.68
N THR B 189 22.46 12.99 -6.96
CA THR B 189 21.61 14.12 -7.28
C THR B 189 20.20 13.90 -6.73
N LYS B 190 19.45 15.00 -6.59
CA LYS B 190 18.10 14.88 -6.05
C LYS B 190 17.23 13.95 -6.89
N LYS B 191 17.48 13.93 -8.20
CA LYS B 191 16.69 13.07 -9.09
C LYS B 191 17.14 11.62 -8.98
N GLN B 192 18.44 11.39 -8.81
CA GLN B 192 18.91 10.03 -8.55
C GLN B 192 18.30 9.48 -7.28
N ARG B 193 18.28 10.28 -6.21
CA ARG B 193 17.69 9.85 -4.95
C ARG B 193 16.20 9.53 -5.10
N GLN B 194 15.46 10.40 -5.80
CA GLN B 194 14.05 10.13 -6.06
C GLN B 194 13.87 8.82 -6.85
N SER B 195 14.68 8.61 -7.89
CA SER B 195 14.54 7.42 -8.72
C SER B 195 14.95 6.18 -7.93
N LEU B 196 16.01 6.29 -7.16
CA LEU B 196 16.46 5.15 -6.36
C LEU B 196 15.39 4.75 -5.35
N ARG B 197 14.84 5.75 -4.63
CA ARG B 197 13.79 5.46 -3.66
C ARG B 197 12.63 4.72 -4.29
N LYS B 198 12.17 5.18 -5.47
CA LYS B 198 11.04 4.53 -6.14
C LYS B 198 11.35 3.08 -6.47
N MET B 199 12.52 2.84 -7.06
CA MET B 199 12.89 1.47 -7.43
C MET B 199 13.02 0.55 -6.22
N VAL B 200 13.66 1.03 -5.14
CA VAL B 200 13.80 0.22 -3.92
C VAL B 200 12.42 -0.17 -3.38
N ILE B 201 11.51 0.79 -3.33
CA ILE B 201 10.16 0.51 -2.85
C ILE B 201 9.49 -0.53 -3.75
N ASP B 202 9.54 -0.33 -5.08
CA ASP B 202 8.91 -1.29 -5.99
C ASP B 202 9.50 -2.70 -5.81
N ILE B 203 10.80 -2.79 -5.55
CA ILE B 203 11.43 -4.10 -5.39
C ILE B 203 11.04 -4.74 -4.07
N VAL B 204 11.21 -4.04 -2.94
CA VAL B 204 10.91 -4.70 -1.66
C VAL B 204 9.44 -5.04 -1.55
N LEU B 205 8.55 -4.19 -2.06
CA LEU B 205 7.13 -4.54 -1.98
C LEU B 205 6.85 -5.85 -2.72
N ALA B 206 7.59 -6.12 -3.80
CA ALA B 206 7.40 -7.34 -4.56
C ALA B 206 7.95 -8.57 -3.87
N THR B 207 8.67 -8.42 -2.73
CA THR B 207 9.12 -9.60 -2.01
C THR B 207 8.05 -10.18 -1.09
N ASP B 208 6.89 -9.52 -0.99
CA ASP B 208 5.74 -10.05 -0.29
C ASP B 208 5.31 -11.37 -0.94
N MET B 209 5.31 -12.45 -0.16
CA MET B 209 5.07 -13.77 -0.76
C MET B 209 3.67 -13.91 -1.34
N SER B 210 2.71 -13.11 -0.88
CA SER B 210 1.37 -13.20 -1.45
C SER B 210 1.34 -12.78 -2.90
N LYS B 211 2.36 -12.07 -3.38
CA LYS B 211 2.41 -11.59 -4.76
C LYS B 211 3.15 -12.53 -5.69
N HIS B 212 3.61 -13.67 -5.16
CA HIS B 212 4.45 -14.59 -5.94
C HIS B 212 3.82 -14.94 -7.29
N MET B 213 2.56 -15.40 -7.28
CA MET B 213 1.94 -15.90 -8.51
C MET B 213 1.77 -14.78 -9.54
N ASN B 214 1.48 -13.56 -9.08
CA ASN B 214 1.37 -12.44 -10.01
C ASN B 214 2.72 -12.10 -10.63
N LEU B 215 3.76 -12.04 -9.79
CA LEU B 215 5.11 -11.80 -10.28
C LEU B 215 5.51 -12.86 -11.29
N LEU B 216 5.27 -14.13 -10.93
CA LEU B 216 5.61 -15.25 -11.81
C LEU B 216 4.83 -15.17 -13.12
N ALA B 217 3.55 -14.80 -13.05
CA ALA B 217 2.76 -14.66 -14.27
C ALA B 217 3.36 -13.60 -15.20
N ASP B 218 3.81 -12.49 -14.63
CA ASP B 218 4.40 -11.43 -15.45
C ASP B 218 5.74 -11.86 -16.01
N LEU B 219 6.52 -12.59 -15.21
CA LEU B 219 7.75 -13.16 -15.72
C LEU B 219 7.49 -14.12 -16.88
N LYS B 220 6.43 -14.94 -16.76
CA LYS B 220 6.06 -15.86 -17.84
C LYS B 220 5.68 -15.09 -19.10
N THR B 221 4.88 -14.04 -18.93
CA THR B 221 4.52 -13.20 -20.08
C THR B 221 5.76 -12.58 -20.70
N MET B 222 6.66 -12.04 -19.87
CA MET B 222 7.92 -11.53 -20.38
C MET B 222 8.66 -12.58 -21.19
N VAL B 223 8.64 -13.85 -20.75
CA VAL B 223 9.35 -14.90 -21.47
C VAL B 223 8.68 -15.18 -22.82
N GLU B 224 7.34 -15.21 -22.85
CA GLU B 224 6.67 -15.49 -24.12
C GLU B 224 6.74 -14.30 -25.09
N THR B 225 6.96 -13.08 -24.58
CA THR B 225 7.18 -11.90 -25.42
C THR B 225 8.67 -11.52 -25.49
N LYS B 226 9.56 -12.43 -25.12
CA LYS B 226 10.97 -12.12 -24.95
C LYS B 226 11.60 -11.66 -26.25
N LYS B 227 12.36 -10.55 -26.18
CA LYS B 227 13.19 -10.07 -27.28
C LYS B 227 14.65 -10.08 -26.86
N VAL B 228 15.53 -10.61 -27.72
CA VAL B 228 16.94 -10.78 -27.42
C VAL B 228 17.78 -10.43 -28.64
N THR B 229 19.06 -10.15 -28.40
CA THR B 229 20.02 -9.91 -29.49
C THR B 229 20.36 -11.23 -30.18
N SER B 230 21.22 -11.14 -31.20
CA SER B 230 21.72 -12.35 -31.85
C SER B 230 22.49 -13.21 -30.86
N SER B 231 23.20 -12.57 -29.93
CA SER B 231 23.87 -13.26 -28.83
C SER B 231 22.89 -13.84 -27.82
N GLY B 232 21.63 -13.44 -27.84
CA GLY B 232 20.70 -13.85 -26.81
C GLY B 232 20.66 -12.98 -25.58
N VAL B 233 21.14 -11.74 -25.67
CA VAL B 233 21.08 -10.84 -24.52
C VAL B 233 19.73 -10.15 -24.49
N LEU B 234 19.13 -10.09 -23.30
CA LEU B 234 17.79 -9.55 -23.13
C LEU B 234 17.74 -8.07 -23.50
N LEU B 235 16.68 -7.68 -24.21
CA LEU B 235 16.39 -6.29 -24.53
C LEU B 235 15.14 -5.88 -23.79
N LEU B 236 15.27 -4.94 -22.86
CA LEU B 236 14.15 -4.48 -22.03
C LEU B 236 14.06 -2.98 -22.19
N ASP B 237 13.08 -2.53 -22.94
CA ASP B 237 13.12 -1.10 -23.24
C ASP B 237 12.41 -0.25 -22.20
N ASN B 238 11.28 -0.70 -21.66
CA ASN B 238 10.45 0.17 -20.84
C ASN B 238 10.66 -0.14 -19.37
N TYR B 239 10.52 0.90 -18.53
CA TYR B 239 10.76 0.77 -17.09
C TYR B 239 9.90 -0.32 -16.49
N SER B 240 8.67 -0.48 -16.98
CA SER B 240 7.77 -1.49 -16.44
C SER B 240 8.31 -2.89 -16.66
N ASP B 241 9.04 -3.12 -17.74
CA ASP B 241 9.67 -4.41 -17.93
C ASP B 241 10.94 -4.55 -17.09
N ARG B 242 11.76 -3.50 -17.03
CA ARG B 242 13.00 -3.55 -16.26
C ARG B 242 12.73 -3.73 -14.78
N ILE B 243 11.80 -2.95 -14.21
CA ILE B 243 11.55 -3.12 -12.79
C ILE B 243 10.98 -4.50 -12.50
N GLN B 244 10.20 -5.06 -13.43
CA GLN B 244 9.68 -6.42 -13.26
C GLN B 244 10.79 -7.44 -13.18
N VAL B 245 11.79 -7.35 -14.07
CA VAL B 245 12.92 -8.25 -13.99
C VAL B 245 13.63 -8.10 -12.64
N LEU B 246 13.78 -6.86 -12.16
CA LEU B 246 14.47 -6.64 -10.89
C LEU B 246 13.66 -7.17 -9.71
N GLN B 247 12.34 -7.00 -9.77
CA GLN B 247 11.46 -7.58 -8.78
C GLN B 247 11.61 -9.10 -8.78
N ASN B 248 11.49 -9.73 -9.95
CA ASN B 248 11.62 -11.19 -9.97
C ASN B 248 13.02 -11.64 -9.58
N MET B 249 14.04 -10.82 -9.87
CA MET B 249 15.41 -11.19 -9.52
C MET B 249 15.63 -11.24 -8.01
N VAL B 250 15.17 -10.21 -7.29
CA VAL B 250 15.32 -10.21 -5.84
C VAL B 250 14.41 -11.26 -5.23
N HIS B 251 13.25 -11.49 -5.83
CA HIS B 251 12.40 -12.60 -5.40
C HIS B 251 13.12 -13.94 -5.57
N CYS B 252 13.80 -14.14 -6.71
CA CYS B 252 14.56 -15.38 -6.91
C CYS B 252 15.64 -15.53 -5.85
N ALA B 253 16.36 -14.45 -5.57
CA ALA B 253 17.38 -14.48 -4.52
C ALA B 253 16.79 -14.78 -3.14
N ASP B 254 15.68 -14.14 -2.80
CA ASP B 254 14.95 -14.45 -1.55
C ASP B 254 14.58 -15.93 -1.49
N LEU B 255 14.26 -16.51 -2.64
CA LEU B 255 13.86 -17.91 -2.70
C LEU B 255 14.96 -18.77 -3.31
N SER B 256 16.22 -18.50 -2.95
CA SER B 256 17.33 -19.23 -3.55
C SER B 256 17.88 -20.34 -2.67
N ASN B 257 17.42 -20.48 -1.42
CA ASN B 257 17.96 -21.51 -0.55
C ASN B 257 17.97 -22.90 -1.18
N PRO B 258 16.90 -23.40 -1.80
CA PRO B 258 16.94 -24.76 -2.38
C PRO B 258 17.83 -24.89 -3.61
N THR B 259 18.37 -23.80 -4.15
CA THR B 259 19.26 -23.89 -5.31
C THR B 259 20.74 -23.83 -4.92
N LYS B 260 21.05 -23.69 -3.63
CA LYS B 260 22.38 -23.63 -3.07
C LYS B 260 22.91 -25.03 -2.78
N PRO B 261 24.23 -25.18 -2.61
CA PRO B 261 24.78 -26.48 -2.20
C PRO B 261 24.02 -27.02 -1.01
N LEU B 262 23.90 -28.34 -0.99
CA LEU B 262 23.00 -29.00 -0.06
C LEU B 262 23.32 -28.64 1.39
N GLN B 263 24.59 -28.52 1.72
CA GLN B 263 24.84 -28.32 3.13
C GLN B 263 24.48 -26.89 3.57
N LEU B 264 24.42 -25.94 2.62
CA LEU B 264 23.83 -24.64 2.92
C LEU B 264 22.31 -24.74 3.02
N TYR B 265 21.69 -25.37 2.02
CA TYR B 265 20.24 -25.51 1.98
C TYR B 265 19.71 -26.16 3.25
N ARG B 266 20.37 -27.22 3.70
CA ARG B 266 19.89 -27.91 4.90
C ARG B 266 19.91 -26.99 6.11
N GLN B 267 20.93 -26.13 6.23
CA GLN B 267 20.95 -25.17 7.33
C GLN B 267 19.80 -24.18 7.22
N TRP B 268 19.49 -23.72 6.00
CA TRP B 268 18.39 -22.78 5.86
C TRP B 268 17.05 -23.42 6.21
N THR B 269 16.90 -24.70 5.88
CA THR B 269 15.69 -25.43 6.23
C THR B 269 15.52 -25.54 7.75
N ASP B 270 16.60 -25.94 8.45
CA ASP B 270 16.54 -25.97 9.91
C ASP B 270 16.06 -24.64 10.49
N ARG B 271 16.53 -23.53 9.93
CA ARG B 271 16.23 -22.22 10.49
C ARG B 271 14.78 -21.81 10.18
N ILE B 272 14.34 -21.97 8.92
CA ILE B 272 12.96 -21.59 8.64
C ILE B 272 11.99 -22.48 9.42
N MET B 273 12.32 -23.74 9.64
CA MET B 273 11.38 -24.60 10.37
C MET B 273 11.31 -24.21 11.84
N GLU B 274 12.43 -23.79 12.42
CA GLU B 274 12.35 -23.28 13.78
C GLU B 274 11.46 -22.04 13.85
N GLU B 275 11.57 -21.15 12.86
CA GLU B 275 10.71 -19.98 12.86
C GLU B 275 9.26 -20.36 12.66
N PHE B 276 8.98 -21.26 11.71
CA PHE B 276 7.61 -21.70 11.47
C PHE B 276 7.02 -22.35 12.72
N PHE B 277 7.79 -23.23 13.37
CA PHE B 277 7.23 -23.94 14.50
C PHE B 277 6.93 -23.00 15.67
N ARG B 278 7.76 -21.97 15.87
CA ARG B 278 7.47 -21.01 16.92
C ARG B 278 6.22 -20.21 16.60
N GLN B 279 6.02 -19.83 15.34
CA GLN B 279 4.76 -19.18 14.99
C GLN B 279 3.56 -20.11 15.18
N GLY B 280 3.67 -21.37 14.76
CA GLY B 280 2.52 -22.27 14.89
C GLY B 280 2.17 -22.54 16.34
N ASP B 281 3.19 -22.56 17.20
CA ASP B 281 2.90 -22.67 18.63
C ASP B 281 2.10 -21.47 19.10
N ARG B 282 2.40 -20.29 18.57
CA ARG B 282 1.63 -19.10 18.96
C ARG B 282 0.21 -19.15 18.41
N GLU B 283 0.04 -19.69 17.20
CA GLU B 283 -1.30 -19.81 16.63
C GLU B 283 -2.14 -20.86 17.36
N ARG B 284 -1.54 -22.01 17.64
CA ARG B 284 -2.25 -23.03 18.42
C ARG B 284 -2.72 -22.45 19.74
N GLU B 285 -1.81 -21.79 20.45
CA GLU B 285 -2.15 -21.29 21.78
C GLU B 285 -3.23 -20.21 21.72
N ARG B 286 -3.20 -19.37 20.68
CA ARG B 286 -4.24 -18.35 20.49
C ARG B 286 -5.55 -18.94 19.99
N GLY B 287 -5.57 -20.20 19.57
CA GLY B 287 -6.79 -20.74 19.02
C GLY B 287 -7.02 -20.39 17.57
N MET B 288 -5.98 -19.95 16.87
CA MET B 288 -6.03 -19.68 15.45
C MET B 288 -5.76 -20.94 14.65
N GLU B 289 -6.26 -20.95 13.41
CA GLU B 289 -5.83 -21.97 12.47
C GLU B 289 -4.31 -21.91 12.36
N ILE B 290 -3.67 -23.07 12.35
CA ILE B 290 -2.22 -23.11 12.25
C ILE B 290 -1.83 -22.99 10.78
N SER B 291 -0.91 -22.07 10.50
CA SER B 291 -0.47 -21.82 9.15
C SER B 291 0.14 -23.08 8.54
N PRO B 292 0.11 -23.21 7.21
CA PRO B 292 0.72 -24.39 6.58
C PRO B 292 2.20 -24.50 6.96
N MET B 293 2.60 -25.72 7.32
CA MET B 293 3.98 -26.12 7.65
C MET B 293 4.41 -25.67 9.04
N CYS B 294 3.50 -25.15 9.85
CA CYS B 294 3.84 -24.56 11.14
C CYS B 294 3.48 -25.42 12.33
N ASP B 295 2.84 -26.57 12.14
CA ASP B 295 2.43 -27.43 13.25
C ASP B 295 3.49 -28.51 13.44
N LYS B 296 4.31 -28.37 14.50
CA LYS B 296 5.38 -29.32 14.75
C LYS B 296 4.85 -30.72 15.04
N HIS B 297 3.64 -30.81 15.60
CA HIS B 297 3.10 -32.11 15.94
C HIS B 297 2.62 -32.88 14.72
N ASN B 298 2.44 -32.19 13.58
CA ASN B 298 1.88 -32.79 12.38
C ASN B 298 2.64 -32.35 11.14
N ALA B 299 3.94 -32.07 11.26
CA ALA B 299 4.71 -31.55 10.15
C ALA B 299 5.60 -32.63 9.56
N SER B 300 5.87 -32.53 8.27
CA SER B 300 6.96 -33.29 7.68
C SER B 300 7.88 -32.26 7.03
N VAL B 301 9.03 -32.03 7.65
CA VAL B 301 9.95 -31.03 7.13
C VAL B 301 10.35 -31.37 5.70
N GLU B 302 10.56 -32.65 5.41
CA GLU B 302 11.09 -33.04 4.12
C GLU B 302 10.02 -32.98 3.04
N LYS B 303 8.82 -33.52 3.33
CA LYS B 303 7.73 -33.36 2.38
C LYS B 303 7.46 -31.89 2.10
N SER B 304 7.54 -31.04 3.13
CA SER B 304 7.32 -29.62 2.93
C SER B 304 8.34 -29.03 1.98
N GLN B 305 9.61 -29.43 2.11
CA GLN B 305 10.63 -28.91 1.20
C GLN B 305 10.38 -29.35 -0.23
N VAL B 306 9.95 -30.60 -0.40
CA VAL B 306 9.71 -31.10 -1.75
C VAL B 306 8.50 -30.42 -2.35
N GLY B 307 7.44 -30.22 -1.56
CA GLY B 307 6.30 -29.46 -2.06
C GLY B 307 6.65 -28.02 -2.34
N PHE B 308 7.47 -27.42 -1.48
CA PHE B 308 7.93 -26.05 -1.70
C PHE B 308 8.64 -25.92 -3.04
N ILE B 309 9.52 -26.87 -3.35
CA ILE B 309 10.25 -26.84 -4.61
C ILE B 309 9.30 -27.09 -5.78
N ASP B 310 8.48 -28.13 -5.68
CA ASP B 310 7.64 -28.50 -6.81
C ASP B 310 6.66 -27.40 -7.17
N TYR B 311 6.07 -26.73 -6.17
CA TYR B 311 4.96 -25.81 -6.44
C TYR B 311 5.36 -24.34 -6.45
N ILE B 312 6.53 -23.97 -5.92
CA ILE B 312 6.92 -22.56 -5.82
C ILE B 312 8.29 -22.30 -6.43
N VAL B 313 9.32 -22.98 -5.89
CA VAL B 313 10.70 -22.60 -6.20
C VAL B 313 11.10 -23.06 -7.61
N HIS B 314 10.75 -24.29 -8.00
CA HIS B 314 11.11 -24.74 -9.33
C HIS B 314 10.28 -24.06 -10.42
N PRO B 315 8.95 -23.87 -10.29
CA PRO B 315 8.27 -23.10 -11.35
C PRO B 315 8.86 -21.72 -11.52
N LEU B 316 9.26 -21.08 -10.42
CA LEU B 316 9.88 -19.76 -10.51
C LEU B 316 11.25 -19.84 -11.18
N TRP B 317 12.14 -20.70 -10.68
CA TRP B 317 13.48 -20.74 -11.23
C TRP B 317 13.52 -21.30 -12.64
N GLU B 318 12.54 -22.13 -13.03
CA GLU B 318 12.52 -22.63 -14.40
C GLU B 318 12.06 -21.55 -15.35
N THR B 319 11.12 -20.72 -14.90
CA THR B 319 10.71 -19.57 -15.71
C THR B 319 11.86 -18.58 -15.84
N TRP B 320 12.55 -18.31 -14.73
CA TRP B 320 13.74 -17.48 -14.76
C TRP B 320 14.77 -18.04 -15.73
N ALA B 321 15.10 -19.34 -15.58
CA ALA B 321 16.04 -19.99 -16.47
C ALA B 321 15.69 -19.74 -17.94
N ASP B 322 14.41 -19.80 -18.29
CA ASP B 322 14.03 -19.58 -19.67
C ASP B 322 14.28 -18.14 -20.09
N LEU B 323 14.05 -17.19 -19.18
CA LEU B 323 14.30 -15.79 -19.50
C LEU B 323 15.77 -15.54 -19.78
N VAL B 324 16.67 -16.20 -19.07
CA VAL B 324 18.09 -15.98 -19.25
C VAL B 324 18.78 -17.18 -19.88
N HIS B 325 18.02 -18.04 -20.58
CA HIS B 325 18.48 -19.28 -21.21
C HIS B 325 19.79 -19.06 -21.95
N PRO B 326 20.83 -19.87 -21.71
CA PRO B 326 20.84 -20.99 -20.77
C PRO B 326 21.67 -20.74 -19.50
N ASP B 327 21.84 -19.49 -19.08
CA ASP B 327 22.80 -19.19 -18.02
C ASP B 327 22.34 -19.64 -16.65
N ALA B 328 21.07 -20.00 -16.49
CA ALA B 328 20.59 -20.48 -15.19
C ALA B 328 20.59 -22.00 -15.09
N GLN B 329 21.20 -22.68 -16.05
CA GLN B 329 21.02 -24.13 -16.11
C GLN B 329 21.69 -24.83 -14.93
N ASP B 330 22.82 -24.31 -14.43
CA ASP B 330 23.50 -24.96 -13.31
C ASP B 330 22.74 -24.78 -12.01
N ILE B 331 22.20 -23.58 -11.80
CA ILE B 331 21.32 -23.33 -10.66
C ILE B 331 20.14 -24.27 -10.67
N LEU B 332 19.47 -24.36 -11.83
CA LEU B 332 18.33 -25.25 -11.98
C LEU B 332 18.72 -26.70 -11.73
N ASP B 333 19.86 -27.13 -12.29
CA ASP B 333 20.35 -28.50 -12.07
C ASP B 333 20.49 -28.80 -10.58
N THR B 334 21.12 -27.88 -9.85
CA THR B 334 21.33 -28.06 -8.41
C THR B 334 20.01 -28.13 -7.66
N LEU B 335 19.05 -27.28 -8.05
CA LEU B 335 17.73 -27.32 -7.45
C LEU B 335 17.10 -28.70 -7.63
N GLU B 336 17.20 -29.24 -8.84
CA GLU B 336 16.61 -30.53 -9.13
C GLU B 336 17.34 -31.62 -8.37
N ASP B 337 18.64 -31.44 -8.15
CA ASP B 337 19.42 -32.42 -7.37
C ASP B 337 19.00 -32.39 -5.91
N ASN B 338 18.82 -31.18 -5.37
CA ASN B 338 18.46 -31.03 -3.96
C ASN B 338 17.06 -31.54 -3.71
N ARG B 339 16.16 -31.32 -4.68
CA ARG B 339 14.84 -31.90 -4.64
C ARG B 339 14.92 -33.42 -4.60
N GLU B 340 15.77 -34.00 -5.47
CA GLU B 340 15.99 -35.44 -5.46
C GLU B 340 16.50 -35.90 -4.10
N TRP B 341 17.38 -35.12 -3.47
CA TRP B 341 17.91 -35.55 -2.17
C TRP B 341 16.84 -35.47 -1.09
N TYR B 342 16.12 -34.34 -1.01
CA TYR B 342 15.12 -34.24 0.03
C TYR B 342 14.04 -35.32 -0.15
N GLN B 343 13.69 -35.62 -1.41
CA GLN B 343 12.70 -36.66 -1.66
C GLN B 343 13.22 -38.01 -1.20
N SER B 344 14.52 -38.28 -1.37
CA SER B 344 15.05 -39.55 -0.92
C SER B 344 15.06 -39.68 0.60
N THR B 345 14.97 -38.57 1.35
CA THR B 345 14.85 -38.68 2.80
C THR B 345 13.43 -39.02 3.27
N ILE B 346 12.44 -39.06 2.38
CA ILE B 346 11.10 -39.51 2.73
C ILE B 346 11.02 -41.02 2.48
N PRO B 347 10.69 -41.84 3.50
CA PRO B 347 10.68 -43.32 3.38
C PRO B 347 9.44 -43.89 2.67
MG MG C . -8.88 12.41 0.95
ZN ZN D . -12.27 13.98 1.03
C4 W8O E . -6.70 18.04 -5.83
C14 W8O E . -2.94 19.30 -7.43
C5 W8O E . -8.03 17.97 -5.47
C6 W8O E . -8.91 17.25 -6.25
C11 W8O E . -8.28 18.08 -2.96
C7 W8O E . -8.77 18.55 -4.31
C8 W8O E . -10.23 18.16 -4.60
C9 W8O E . -9.00 15.34 -9.36
C10 W8O E . -11.10 19.35 -4.86
C12 W8O E . -4.77 17.50 -7.33
C13 W8O E . -4.40 18.98 -7.24
C3 W8O E . -6.23 17.37 -6.96
C1 W8O E . -8.49 16.56 -7.39
C15 W8O E . -12.25 19.54 -4.11
C16 W8O E . -13.08 20.63 -4.30
C17 W8O E . -12.75 21.57 -5.28
C18 W8O E . -11.58 21.39 -6.04
C19 W8O E . -10.77 20.28 -5.84
C2 W8O E . -7.14 16.65 -7.74
C20 W8O E . -10.20 22.18 -7.81
C21 W8O E . -14.60 22.99 -4.74
O1 W8O E . -10.20 17.30 -5.78
O2 W8O E . -9.42 15.86 -8.11
O3 W8O E . -8.70 16.77 -2.61
O4 W8O E . -2.75 20.70 -7.17
O5 W8O E . -11.35 22.35 -7.00
O6 W8O E . -13.50 22.67 -5.58
C1 EDO F . -6.64 -5.45 2.66
O1 EDO F . -7.57 -6.32 3.31
C2 EDO F . -7.37 -4.58 1.63
O2 EDO F . -7.90 -5.39 0.57
MG MG G . 10.43 -10.68 3.52
ZN ZN H . 13.66 -12.45 2.82
C4 W8O I . 6.31 -18.44 3.42
C14 W8O I . 2.50 -16.86 1.41
C5 W8O I . 7.62 -18.54 2.98
C6 W8O I . 7.89 -18.65 1.64
C11 W8O I . 9.11 -17.26 4.56
C7 W8O I . 8.92 -18.53 3.74
C8 W8O I . 9.98 -18.68 2.64
C9 W8O I . 6.23 -18.38 -1.61
C10 W8O I . 10.80 -19.93 2.76
C12 W8O I . 3.83 -18.35 2.99
C13 W8O I . 3.14 -17.01 2.78
C3 W8O I . 5.26 -18.45 2.50
C1 W8O I . 6.86 -18.66 0.68
C15 W8O I . 12.18 -19.85 2.81
C16 W8O I . 12.97 -20.99 2.95
C17 W8O I . 12.36 -22.24 3.01
C18 W8O I . 10.96 -22.32 2.98
C19 W8O I . 10.19 -21.18 2.85
C2 W8O I . 5.56 -18.56 1.14
C20 W8O I . 9.03 -23.74 3.08
C21 W8O I . 14.45 -23.37 3.31
O1 W8O I . 9.23 -18.73 1.37
O2 W8O I . 7.21 -18.75 -0.63
O3 W8O I . 9.27 -16.09 3.77
O4 W8O I . 1.63 -15.74 1.35
O5 W8O I . 10.45 -23.60 3.08
O6 W8O I . 13.03 -23.42 3.14
C1 EDO J . 4.07 -19.06 7.48
O1 EDO J . 3.52 -18.14 6.52
C2 EDO J . 4.15 -20.42 6.81
O2 EDO J . 2.87 -20.79 6.30
C1 EDO K . 6.78 4.53 -4.82
O1 EDO K . 6.86 5.73 -5.60
C2 EDO K . 5.93 3.50 -5.53
O2 EDO K . 6.56 3.11 -6.76
#